data_3D4V
#
_entry.id   3D4V
#
_cell.length_a   74.100
_cell.length_b   100.361
_cell.length_c   102.281
_cell.angle_alpha   90.00
_cell.angle_beta   94.45
_cell.angle_gamma   90.00
#
_symmetry.space_group_name_H-M   'P 1 21 1'
#
loop_
_entity.id
_entity.type
_entity.pdbx_description
1 polymer 'DNA-3-methyladenine glycosylase 2'
2 polymer "5'-D(*DGP*DAP*DCP*DAP*DTP*DGP*DAP*(FMG)P*DTP*DGP*DCP*DC)-3'"
3 polymer "5'-D(*DGP*DGP*DCP*DAP*DCP*DTP*DCP*DAP*DTP*DGP*DTP*DC)-3'"
4 water water
#
loop_
_entity_poly.entity_id
_entity_poly.type
_entity_poly.pdbx_seq_one_letter_code
_entity_poly.pdbx_strand_id
1 'polypeptide(L)'
;MYTLNWQPPYDWSWMLGFLAARAVSSVETVADSYYARSLAVGEYRGVVTAIPDIARHTLHINLSAGLEPVAAECLAKMSR
LFDLQCNPQIVNGALGRLGAARPGLRLPGCVDAFEQGVRAILGQLVSVAMAAKLTARVAQLYGERLDDFPEYICFPTPQR
LAAADPQALKALGMPLKRAEALIHLANAALEGTLPMTIPGDVEQAMKTLQTFPGIGRWTANYFALRGWQAKDVFLPDDYL
IKQRFPGMTPAQIRRYAERWKPWRSYALLHIWYTEGWQPDEA
;
A,B,C,D
2 'polydeoxyribonucleotide' (DG)(DA)(DC)(DA)(DT)(DG)(DA)(FMG)(DT)(DG)(DC)(DC) E,G
3 'polydeoxyribonucleotide' (DG)(DG)(DC)(DA)(DC)(DT)(DC)(DA)(DT)(DG)(DT)(DC) F,H
#
loop_
_chem_comp.id
_chem_comp.type
_chem_comp.name
_chem_comp.formula
DA DNA linking 2'-DEOXYADENOSINE-5'-MONOPHOSPHATE 'C10 H14 N5 O6 P'
DC DNA linking 2'-DEOXYCYTIDINE-5'-MONOPHOSPHATE 'C9 H14 N3 O7 P'
DG DNA linking 2'-DEOXYGUANOSINE-5'-MONOPHOSPHATE 'C10 H14 N5 O7 P'
DT DNA linking THYMIDINE-5'-MONOPHOSPHATE 'C10 H15 N2 O8 P'
FMG DNA linking 2-amino-9-(2-deoxy-2-fluoro-5-O-phosphono-beta-D-arabinofuranosyl)-7-methyl-6-oxo-6,9-dihydro-1H-purin-7-ium 'C11 H16 F N5 O7 P 1'
#
# COMPACT_ATOMS: atom_id res chain seq x y z
N MET A 1 -19.56 24.04 -39.55
CA MET A 1 -20.75 23.14 -39.46
C MET A 1 -21.46 23.23 -38.09
N TYR A 2 -21.20 22.29 -37.16
CA TYR A 2 -21.84 22.33 -35.83
C TYR A 2 -21.51 23.66 -35.19
N THR A 3 -22.45 24.24 -34.45
CA THR A 3 -22.11 25.50 -33.80
C THR A 3 -22.51 25.53 -32.32
N LEU A 4 -21.71 26.24 -31.50
CA LEU A 4 -21.97 26.35 -30.07
C LEU A 4 -22.06 27.82 -29.66
N ASN A 5 -22.97 28.16 -28.77
CA ASN A 5 -23.12 29.55 -28.33
C ASN A 5 -22.23 29.88 -27.14
N TRP A 6 -22.03 31.18 -26.90
CA TRP A 6 -21.24 31.64 -25.76
C TRP A 6 -21.73 33.01 -25.25
N GLN A 7 -21.28 33.38 -24.05
CA GLN A 7 -21.66 34.64 -23.41
C GLN A 7 -20.55 35.70 -23.55
N PRO A 8 -20.85 36.85 -24.18
CA PRO A 8 -19.86 37.91 -24.35
C PRO A 8 -19.59 38.62 -23.04
N PRO A 9 -18.42 39.24 -22.91
CA PRO A 9 -17.36 39.32 -23.93
C PRO A 9 -16.48 38.08 -23.99
N TYR A 10 -15.76 37.93 -25.09
CA TYR A 10 -14.88 36.80 -25.26
C TYR A 10 -13.62 37.23 -26.00
N ASP A 11 -12.53 37.34 -25.25
CA ASP A 11 -11.22 37.75 -25.76
C ASP A 11 -10.61 36.62 -26.60
N TRP A 12 -11.06 36.49 -27.84
CA TRP A 12 -10.55 35.46 -28.73
C TRP A 12 -9.09 35.65 -29.10
N SER A 13 -8.69 36.91 -29.29
CA SER A 13 -7.31 37.19 -29.63
C SER A 13 -6.44 36.68 -28.49
N TRP A 14 -6.85 37.01 -27.27
CA TRP A 14 -6.13 36.58 -26.09
C TRP A 14 -6.11 35.05 -26.00
N MET A 15 -7.28 34.44 -26.14
CA MET A 15 -7.40 32.98 -26.08
C MET A 15 -6.51 32.30 -27.12
N LEU A 16 -6.67 32.70 -28.38
CA LEU A 16 -5.87 32.13 -29.44
C LEU A 16 -4.41 32.43 -29.20
N GLY A 17 -4.12 33.67 -28.80
CA GLY A 17 -2.75 34.04 -28.54
C GLY A 17 -2.10 33.14 -27.50
N PHE A 18 -2.88 32.78 -26.49
CA PHE A 18 -2.41 31.91 -25.41
C PHE A 18 -2.17 30.49 -25.92
N LEU A 19 -3.14 29.94 -26.62
CA LEU A 19 -3.04 28.58 -27.17
C LEU A 19 -1.88 28.41 -28.14
N ALA A 20 -1.70 29.42 -28.99
CA ALA A 20 -0.65 29.41 -30.01
C ALA A 20 0.74 29.37 -29.40
N ALA A 21 0.89 30.06 -28.28
CA ALA A 21 2.17 30.10 -27.59
C ALA A 21 2.59 28.70 -27.10
N ARG A 22 1.60 27.87 -26.76
CA ARG A 22 1.87 26.54 -26.25
C ARG A 22 1.62 25.45 -27.26
N ALA A 23 1.17 25.83 -28.45
CA ALA A 23 0.89 24.88 -29.51
C ALA A 23 2.05 23.94 -29.78
N VAL A 24 1.72 22.73 -30.22
CA VAL A 24 2.74 21.73 -30.53
C VAL A 24 2.65 21.40 -32.02
N SER A 25 3.73 21.72 -32.73
CA SER A 25 3.81 21.49 -34.17
C SER A 25 3.36 20.09 -34.60
N SER A 26 2.72 20.01 -35.76
CA SER A 26 2.24 18.74 -36.29
C SER A 26 0.97 18.25 -35.60
N VAL A 27 0.62 18.88 -34.48
CA VAL A 27 -0.57 18.49 -33.74
C VAL A 27 -1.62 19.58 -33.73
N GLU A 28 -1.18 20.82 -33.63
CA GLU A 28 -2.09 21.95 -33.57
C GLU A 28 -1.79 22.95 -34.67
N THR A 29 -2.66 23.94 -34.78
CA THR A 29 -2.55 24.98 -35.79
C THR A 29 -3.44 26.12 -35.36
N VAL A 30 -2.85 27.21 -34.90
CA VAL A 30 -3.68 28.33 -34.48
C VAL A 30 -3.44 29.58 -35.34
N ALA A 31 -4.53 30.19 -35.79
CA ALA A 31 -4.45 31.40 -36.61
C ALA A 31 -5.18 32.49 -35.85
N ASP A 32 -5.42 33.62 -36.48
CA ASP A 32 -6.12 34.68 -35.78
C ASP A 32 -7.63 34.50 -35.90
N SER A 33 -8.04 33.70 -36.88
CA SER A 33 -9.46 33.46 -37.12
C SER A 33 -9.98 32.10 -36.70
N TYR A 34 -9.09 31.15 -36.44
CA TYR A 34 -9.54 29.82 -36.05
C TYR A 34 -8.43 29.00 -35.40
N TYR A 35 -8.85 27.91 -34.77
CA TYR A 35 -7.95 26.98 -34.09
C TYR A 35 -8.17 25.62 -34.76
N ALA A 36 -7.13 24.83 -34.91
CA ALA A 36 -7.30 23.52 -35.54
C ALA A 36 -6.30 22.50 -35.06
N ARG A 37 -6.75 21.28 -34.80
CA ARG A 37 -5.84 20.22 -34.35
C ARG A 37 -6.33 18.82 -34.63
N SER A 38 -5.45 17.84 -34.38
CA SER A 38 -5.80 16.43 -34.54
C SER A 38 -6.51 16.05 -33.26
N LEU A 39 -7.26 14.96 -33.30
CA LEU A 39 -7.98 14.59 -32.10
C LEU A 39 -8.43 13.15 -32.19
N ALA A 40 -8.34 12.45 -31.05
CA ALA A 40 -8.76 11.06 -31.00
C ALA A 40 -9.79 10.89 -29.90
N VAL A 41 -10.76 10.02 -30.19
CA VAL A 41 -11.84 9.72 -29.26
C VAL A 41 -12.05 8.22 -29.50
N GLY A 42 -11.52 7.40 -28.61
CA GLY A 42 -11.63 5.97 -28.82
C GLY A 42 -10.72 5.69 -30.00
N GLU A 43 -11.18 4.94 -30.99
CA GLU A 43 -10.35 4.68 -32.14
C GLU A 43 -10.67 5.68 -33.24
N TYR A 44 -11.78 6.38 -33.07
CA TYR A 44 -12.20 7.37 -34.03
C TYR A 44 -11.18 8.51 -34.01
N ARG A 45 -10.76 8.96 -35.20
CA ARG A 45 -9.77 10.05 -35.29
C ARG A 45 -9.96 10.97 -36.48
N GLY A 46 -9.27 12.10 -36.49
CA GLY A 46 -9.40 13.04 -37.59
C GLY A 46 -9.08 14.46 -37.19
N VAL A 47 -9.76 15.43 -37.80
CA VAL A 47 -9.50 16.82 -37.46
C VAL A 47 -10.69 17.69 -37.05
N VAL A 48 -10.42 18.55 -36.08
CA VAL A 48 -11.41 19.48 -35.55
C VAL A 48 -10.93 20.88 -35.85
N THR A 49 -11.75 21.61 -36.58
CA THR A 49 -11.42 22.99 -36.91
C THR A 49 -12.42 23.81 -36.13
N ALA A 50 -11.94 24.79 -35.37
CA ALA A 50 -12.84 25.64 -34.60
C ALA A 50 -12.74 27.09 -35.05
N ILE A 51 -13.83 27.60 -35.60
CA ILE A 51 -13.85 28.96 -36.10
C ILE A 51 -14.83 29.84 -35.34
N PRO A 52 -14.32 30.84 -34.62
CA PRO A 52 -15.30 31.67 -33.91
C PRO A 52 -15.86 32.76 -34.81
N ASP A 53 -17.09 33.19 -34.49
CA ASP A 53 -17.81 34.23 -35.21
C ASP A 53 -18.17 35.29 -34.17
N ILE A 54 -17.30 36.29 -34.02
CA ILE A 54 -17.49 37.35 -33.04
C ILE A 54 -18.81 38.08 -33.19
N ALA A 55 -19.26 38.18 -34.43
CA ALA A 55 -20.51 38.85 -34.73
C ALA A 55 -21.68 38.11 -34.11
N ARG A 56 -21.67 36.79 -34.19
CA ARG A 56 -22.76 35.99 -33.63
C ARG A 56 -22.37 35.31 -32.32
N HIS A 57 -21.20 35.69 -31.76
CA HIS A 57 -20.68 35.06 -30.55
C HIS A 57 -21.14 33.59 -30.53
N THR A 58 -20.66 32.90 -31.56
CA THR A 58 -20.94 31.51 -31.85
C THR A 58 -19.64 30.87 -32.33
N LEU A 59 -19.42 29.62 -31.93
CA LEU A 59 -18.23 28.89 -32.35
C LEU A 59 -18.69 27.79 -33.30
N HIS A 60 -18.14 27.79 -34.51
CA HIS A 60 -18.48 26.82 -35.54
C HIS A 60 -17.40 25.76 -35.52
N ILE A 61 -17.77 24.52 -35.25
CA ILE A 61 -16.79 23.45 -35.20
C ILE A 61 -16.96 22.53 -36.39
N ASN A 62 -15.86 22.19 -37.05
CA ASN A 62 -15.96 21.25 -38.16
C ASN A 62 -15.09 20.02 -37.91
N LEU A 63 -15.69 18.85 -38.04
CA LEU A 63 -14.97 17.61 -37.85
C LEU A 63 -14.74 16.93 -39.18
N SER A 64 -13.61 16.24 -39.31
CA SER A 64 -13.28 15.50 -40.53
C SER A 64 -14.13 14.25 -40.46
N ALA A 65 -14.42 13.63 -41.60
CA ALA A 65 -15.27 12.45 -41.60
C ALA A 65 -14.87 11.38 -40.61
N GLY A 66 -13.62 11.39 -40.17
CA GLY A 66 -13.20 10.38 -39.22
C GLY A 66 -13.79 10.49 -37.82
N LEU A 67 -14.24 11.69 -37.46
CA LEU A 67 -14.80 11.93 -36.12
C LEU A 67 -16.33 11.97 -35.99
N GLU A 68 -17.04 12.20 -37.08
CA GLU A 68 -18.49 12.29 -37.00
C GLU A 68 -19.17 11.28 -36.07
N PRO A 69 -18.70 10.02 -36.04
CA PRO A 69 -19.31 8.99 -35.18
C PRO A 69 -19.24 9.36 -33.69
N VAL A 70 -18.38 10.31 -33.36
CA VAL A 70 -18.27 10.74 -31.99
C VAL A 70 -18.29 12.27 -31.93
N ALA A 71 -19.04 12.88 -32.83
CA ALA A 71 -19.17 14.32 -32.91
C ALA A 71 -19.46 14.98 -31.56
N ALA A 72 -20.51 14.52 -30.90
CA ALA A 72 -20.89 15.08 -29.61
C ALA A 72 -19.74 15.13 -28.62
N GLU A 73 -19.10 14.00 -28.37
CA GLU A 73 -17.99 13.96 -27.43
C GLU A 73 -16.87 14.89 -27.89
N CYS A 74 -16.93 15.29 -29.15
CA CYS A 74 -15.93 16.19 -29.71
C CYS A 74 -16.25 17.60 -29.30
N LEU A 75 -17.48 18.02 -29.55
CA LEU A 75 -17.92 19.37 -29.19
C LEU A 75 -17.70 19.61 -27.71
N ALA A 76 -17.95 18.59 -26.90
CA ALA A 76 -17.76 18.74 -25.48
C ALA A 76 -16.30 19.08 -25.26
N LYS A 77 -15.42 18.36 -25.94
CA LYS A 77 -13.99 18.57 -25.82
C LYS A 77 -13.62 20.00 -26.08
N MET A 78 -14.13 20.53 -27.19
CA MET A 78 -13.84 21.90 -27.59
C MET A 78 -14.33 22.89 -26.56
N SER A 79 -15.63 22.89 -26.29
CA SER A 79 -16.22 23.81 -25.33
C SER A 79 -15.49 23.81 -23.98
N ARG A 80 -14.87 22.68 -23.64
CA ARG A 80 -14.11 22.58 -22.41
C ARG A 80 -12.80 23.37 -22.57
N LEU A 81 -12.19 23.24 -23.75
CA LEU A 81 -10.96 23.92 -24.07
C LEU A 81 -11.18 25.42 -24.10
N PHE A 82 -12.24 25.84 -24.76
CA PHE A 82 -12.53 27.27 -24.88
C PHE A 82 -13.30 27.91 -23.73
N ASP A 83 -13.87 27.09 -22.85
CA ASP A 83 -14.57 27.64 -21.69
C ASP A 83 -15.84 28.41 -22.06
N LEU A 84 -16.65 27.84 -22.93
CA LEU A 84 -17.87 28.48 -23.38
C LEU A 84 -18.95 28.56 -22.30
N GLN A 85 -18.77 27.83 -21.21
CA GLN A 85 -19.73 27.84 -20.11
C GLN A 85 -19.58 29.11 -19.29
N CYS A 86 -18.43 29.74 -19.42
CA CYS A 86 -18.16 30.94 -18.64
C CYS A 86 -19.12 32.07 -18.91
N ASN A 87 -19.63 32.64 -17.82
CA ASN A 87 -20.55 33.78 -17.86
C ASN A 87 -19.85 34.96 -17.21
N PRO A 88 -19.06 35.71 -18.00
CA PRO A 88 -18.28 36.88 -17.56
C PRO A 88 -18.92 37.81 -16.55
N GLN A 89 -20.22 38.04 -16.66
CA GLN A 89 -20.88 38.93 -15.70
C GLN A 89 -20.77 38.45 -14.25
N ILE A 90 -20.42 37.18 -14.06
CA ILE A 90 -20.30 36.62 -12.73
C ILE A 90 -18.88 36.71 -12.25
N VAL A 91 -17.98 36.10 -13.02
CA VAL A 91 -16.55 36.10 -12.68
C VAL A 91 -16.01 37.54 -12.52
N ASN A 92 -16.13 38.34 -13.57
CA ASN A 92 -15.66 39.72 -13.56
C ASN A 92 -16.28 40.52 -12.40
N GLY A 93 -17.53 40.21 -12.06
CA GLY A 93 -18.18 40.90 -10.98
C GLY A 93 -17.44 40.62 -9.68
N ALA A 94 -17.40 39.35 -9.31
CA ALA A 94 -16.75 38.85 -8.10
C ALA A 94 -15.27 39.21 -7.96
N LEU A 95 -14.57 39.37 -9.08
CA LEU A 95 -13.15 39.74 -9.06
C LEU A 95 -13.04 41.26 -9.12
N GLY A 96 -13.94 41.86 -9.89
CA GLY A 96 -13.96 43.30 -10.04
C GLY A 96 -12.76 43.94 -10.69
N ARG A 97 -12.26 44.98 -10.04
CA ARG A 97 -11.12 45.74 -10.54
C ARG A 97 -9.95 44.86 -10.96
N LEU A 98 -10.03 43.57 -10.68
CA LEU A 98 -8.92 42.70 -11.04
C LEU A 98 -8.84 42.38 -12.54
N GLY A 99 -9.93 41.86 -13.10
CA GLY A 99 -9.91 41.51 -14.51
C GLY A 99 -10.55 42.49 -15.48
N ALA A 100 -11.05 43.61 -14.96
CA ALA A 100 -11.70 44.63 -15.79
C ALA A 100 -10.79 45.09 -16.93
N ALA A 101 -9.53 44.67 -16.91
CA ALA A 101 -8.59 45.03 -17.95
C ALA A 101 -9.09 44.33 -19.21
N ARG A 102 -9.38 43.03 -19.10
CA ARG A 102 -9.92 42.24 -20.19
C ARG A 102 -10.92 41.21 -19.65
N PRO A 103 -12.21 41.55 -19.69
CA PRO A 103 -13.27 40.65 -19.19
C PRO A 103 -13.47 39.40 -20.04
N GLY A 104 -13.13 39.47 -21.32
CA GLY A 104 -13.30 38.32 -22.20
C GLY A 104 -12.31 37.21 -21.88
N LEU A 105 -11.56 37.40 -20.81
CA LEU A 105 -10.56 36.43 -20.37
C LEU A 105 -11.24 35.11 -20.03
N ARG A 106 -10.82 34.03 -20.68
CA ARG A 106 -11.38 32.72 -20.39
C ARG A 106 -10.29 31.79 -19.88
N LEU A 107 -10.71 30.69 -19.24
CA LEU A 107 -9.75 29.71 -18.73
C LEU A 107 -9.46 28.65 -19.79
N PRO A 108 -8.24 28.65 -20.36
CA PRO A 108 -7.90 27.66 -21.37
C PRO A 108 -7.90 26.25 -20.79
N GLY A 109 -8.82 25.42 -21.25
CA GLY A 109 -8.87 24.06 -20.76
C GLY A 109 -8.05 23.20 -21.70
N CYS A 110 -8.52 21.98 -21.94
CA CYS A 110 -7.82 21.08 -22.85
C CYS A 110 -8.87 20.24 -23.52
N VAL A 111 -8.47 19.51 -24.55
CA VAL A 111 -9.38 18.67 -25.28
C VAL A 111 -9.29 17.24 -24.73
N ASP A 112 -8.31 17.01 -23.85
CA ASP A 112 -8.06 15.72 -23.20
C ASP A 112 -7.18 15.86 -21.95
N ALA A 113 -7.64 15.32 -20.83
CA ALA A 113 -6.91 15.41 -19.57
C ALA A 113 -5.56 14.74 -19.61
N PHE A 114 -5.47 13.57 -20.22
CA PHE A 114 -4.18 12.88 -20.26
C PHE A 114 -3.12 13.72 -20.98
N GLU A 115 -3.43 14.14 -22.19
CA GLU A 115 -2.50 14.97 -22.94
C GLU A 115 -2.09 16.13 -22.03
N GLN A 116 -3.06 16.76 -21.38
CA GLN A 116 -2.74 17.87 -20.51
C GLN A 116 -1.86 17.40 -19.36
N GLY A 117 -2.00 16.13 -18.97
CA GLY A 117 -1.18 15.61 -17.89
C GLY A 117 0.27 15.57 -18.33
N VAL A 118 0.47 15.13 -19.57
CA VAL A 118 1.80 15.06 -20.16
C VAL A 118 2.33 16.47 -20.33
N ARG A 119 1.50 17.39 -20.83
CA ARG A 119 1.93 18.77 -21.02
C ARG A 119 2.38 19.47 -19.75
N ALA A 120 1.61 19.34 -18.68
CA ALA A 120 1.97 19.99 -17.42
C ALA A 120 3.26 19.44 -16.83
N ILE A 121 3.63 18.21 -17.18
CA ILE A 121 4.86 17.63 -16.68
C ILE A 121 6.05 18.19 -17.41
N LEU A 122 6.07 18.03 -18.74
CA LEU A 122 7.18 18.54 -19.55
C LEU A 122 7.22 20.05 -19.38
N GLY A 123 6.14 20.60 -18.85
CA GLY A 123 6.08 22.03 -18.62
C GLY A 123 6.88 22.41 -17.39
N GLN A 124 7.48 21.42 -16.74
CA GLN A 124 8.27 21.67 -15.53
C GLN A 124 9.67 22.23 -15.74
N LEU A 125 10.00 23.25 -14.94
CA LEU A 125 11.30 23.90 -14.96
C LEU A 125 11.56 24.79 -16.19
N VAL A 126 11.33 24.24 -17.39
CA VAL A 126 11.55 24.99 -18.63
C VAL A 126 10.58 26.15 -18.89
N SER A 127 10.83 26.88 -19.98
CA SER A 127 9.98 28.00 -20.38
C SER A 127 8.81 27.46 -21.19
N VAL A 128 7.75 28.25 -21.29
CA VAL A 128 6.59 27.85 -22.05
C VAL A 128 6.97 27.31 -23.40
N ALA A 129 7.80 28.08 -24.11
CA ALA A 129 8.25 27.71 -25.45
C ALA A 129 8.99 26.38 -25.47
N MET A 130 10.02 26.26 -24.63
CA MET A 130 10.81 25.03 -24.59
C MET A 130 9.90 23.83 -24.30
N ALA A 131 9.02 23.97 -23.32
CA ALA A 131 8.09 22.90 -22.98
C ALA A 131 7.31 22.53 -24.23
N ALA A 132 6.97 23.53 -25.04
CA ALA A 132 6.23 23.27 -26.27
C ALA A 132 7.10 22.51 -27.27
N LYS A 133 8.42 22.74 -27.21
CA LYS A 133 9.36 22.07 -28.11
C LYS A 133 9.51 20.59 -27.73
N LEU A 134 9.59 20.32 -26.42
CA LEU A 134 9.70 18.94 -25.92
C LEU A 134 8.46 18.15 -26.29
N THR A 135 7.32 18.60 -25.81
CA THR A 135 6.06 17.93 -26.10
C THR A 135 6.00 17.59 -27.58
N ALA A 136 6.61 18.45 -28.39
CA ALA A 136 6.64 18.26 -29.83
C ALA A 136 7.43 17.00 -30.17
N ARG A 137 8.62 16.86 -29.60
CA ARG A 137 9.48 15.71 -29.83
C ARG A 137 8.80 14.41 -29.41
N VAL A 138 8.25 14.40 -28.20
CA VAL A 138 7.55 13.23 -27.68
C VAL A 138 6.37 12.91 -28.58
N ALA A 139 5.76 13.95 -29.16
CA ALA A 139 4.61 13.78 -30.03
C ALA A 139 5.10 13.22 -31.34
N GLN A 140 6.10 13.86 -31.93
CA GLN A 140 6.63 13.39 -33.20
C GLN A 140 7.08 11.93 -33.05
N LEU A 141 7.78 11.64 -31.95
CA LEU A 141 8.30 10.30 -31.67
C LEU A 141 7.23 9.23 -31.40
N TYR A 142 6.42 9.46 -30.37
CA TYR A 142 5.39 8.52 -29.95
C TYR A 142 3.97 8.73 -30.48
N GLY A 143 3.76 9.79 -31.24
CA GLY A 143 2.44 10.04 -31.78
C GLY A 143 2.14 9.24 -33.03
N GLU A 144 0.87 9.17 -33.40
CA GLU A 144 0.46 8.43 -34.58
C GLU A 144 0.05 9.44 -35.65
N ARG A 145 0.40 9.16 -36.90
CA ARG A 145 0.04 10.08 -37.98
C ARG A 145 -1.34 9.74 -38.54
N LEU A 146 -2.04 10.76 -39.01
CA LEU A 146 -3.38 10.64 -39.59
C LEU A 146 -3.30 10.33 -41.07
N ASP A 147 -4.05 9.32 -41.51
CA ASP A 147 -4.05 8.93 -42.92
C ASP A 147 -4.74 10.01 -43.73
N ASP A 148 -5.96 10.34 -43.33
CA ASP A 148 -6.77 11.36 -43.98
C ASP A 148 -5.98 12.66 -44.10
N PHE A 149 -5.18 12.96 -43.07
CA PHE A 149 -4.36 14.16 -43.03
C PHE A 149 -2.93 13.85 -42.62
N PRO A 150 -2.06 13.63 -43.61
CA PRO A 150 -0.63 13.30 -43.47
C PRO A 150 0.10 14.26 -42.55
N GLU A 151 0.00 15.54 -42.87
CA GLU A 151 0.63 16.60 -42.11
C GLU A 151 0.44 16.45 -40.60
N TYR A 152 -0.79 16.22 -40.20
CA TYR A 152 -1.15 16.08 -38.79
C TYR A 152 -0.73 14.80 -38.15
N ILE A 153 -0.57 14.87 -36.83
CA ILE A 153 -0.19 13.72 -36.04
C ILE A 153 -0.97 13.78 -34.72
N CYS A 154 -1.42 12.64 -34.25
CA CYS A 154 -2.17 12.58 -33.00
C CYS A 154 -1.23 12.59 -31.82
N PHE A 155 -1.73 13.07 -30.68
CA PHE A 155 -0.92 13.13 -29.49
C PHE A 155 -0.56 11.72 -29.04
N PRO A 156 0.59 11.55 -28.38
CA PRO A 156 0.91 10.19 -27.96
C PRO A 156 -0.22 9.64 -27.08
N THR A 157 -0.66 8.42 -27.36
CA THR A 157 -1.71 7.79 -26.56
C THR A 157 -1.13 7.18 -25.29
N PRO A 158 -1.97 6.98 -24.27
CA PRO A 158 -1.50 6.40 -23.01
C PRO A 158 -0.72 5.10 -23.18
N GLN A 159 -1.34 4.10 -23.81
CA GLN A 159 -0.70 2.81 -24.02
C GLN A 159 0.65 2.96 -24.70
N ARG A 160 0.67 3.65 -25.84
CA ARG A 160 1.91 3.85 -26.57
C ARG A 160 3.01 4.43 -25.66
N LEU A 161 2.63 5.33 -24.76
CA LEU A 161 3.59 5.93 -23.84
C LEU A 161 3.98 5.02 -22.68
N ALA A 162 3.06 4.16 -22.25
CA ALA A 162 3.34 3.24 -21.15
C ALA A 162 4.43 2.27 -21.63
N ALA A 163 4.20 1.77 -22.84
CA ALA A 163 5.10 0.84 -23.49
C ALA A 163 6.17 1.68 -24.21
N ALA A 164 6.90 2.48 -23.43
CA ALA A 164 7.94 3.33 -23.99
C ALA A 164 9.15 3.26 -23.10
N ASP A 165 10.33 3.27 -23.70
CA ASP A 165 11.57 3.18 -22.93
C ASP A 165 12.05 4.52 -22.40
N PRO A 166 12.19 4.64 -21.07
CA PRO A 166 12.65 5.83 -20.36
C PRO A 166 13.84 6.49 -21.04
N GLN A 167 14.73 5.67 -21.58
CA GLN A 167 15.90 6.21 -22.25
C GLN A 167 15.52 7.04 -23.46
N ALA A 168 14.68 6.46 -24.33
CA ALA A 168 14.21 7.17 -25.52
C ALA A 168 13.62 8.53 -25.16
N LEU A 169 12.72 8.53 -24.17
CA LEU A 169 12.08 9.75 -23.71
C LEU A 169 13.12 10.67 -23.07
N LYS A 170 14.12 10.06 -22.43
CA LYS A 170 15.17 10.84 -21.81
C LYS A 170 15.97 11.54 -22.89
N ALA A 171 16.33 10.78 -23.92
CA ALA A 171 17.10 11.28 -25.06
C ALA A 171 16.46 12.48 -25.72
N LEU A 172 15.13 12.60 -25.61
CA LEU A 172 14.42 13.72 -26.22
C LEU A 172 14.81 15.06 -25.62
N GLY A 173 15.30 15.05 -24.39
CA GLY A 173 15.71 16.30 -23.75
C GLY A 173 15.06 16.57 -22.40
N MET A 174 14.94 15.53 -21.58
CA MET A 174 14.33 15.66 -20.26
C MET A 174 15.02 14.71 -19.29
N PRO A 175 15.05 15.07 -18.00
CA PRO A 175 15.69 14.20 -17.01
C PRO A 175 14.97 12.87 -17.00
N LEU A 176 15.67 11.83 -16.55
CA LEU A 176 15.09 10.49 -16.46
C LEU A 176 13.82 10.54 -15.61
N LYS A 177 13.94 11.15 -14.43
CA LYS A 177 12.81 11.31 -13.52
C LYS A 177 11.57 11.75 -14.31
N ARG A 178 11.68 12.91 -14.96
CA ARG A 178 10.60 13.47 -15.76
C ARG A 178 9.99 12.38 -16.62
N ALA A 179 10.85 11.58 -17.25
CA ALA A 179 10.44 10.48 -18.13
C ALA A 179 9.75 9.33 -17.40
N GLU A 180 10.20 9.05 -16.19
CA GLU A 180 9.56 7.99 -15.43
C GLU A 180 8.14 8.44 -15.15
N ALA A 181 7.98 9.74 -14.88
CA ALA A 181 6.68 10.35 -14.60
C ALA A 181 5.75 10.22 -15.79
N LEU A 182 6.21 10.62 -16.97
CA LEU A 182 5.38 10.49 -18.16
C LEU A 182 4.87 9.06 -18.21
N ILE A 183 5.79 8.11 -18.14
CA ILE A 183 5.43 6.71 -18.18
C ILE A 183 4.50 6.28 -17.04
N HIS A 184 4.62 6.91 -15.88
CA HIS A 184 3.74 6.54 -14.78
C HIS A 184 2.32 7.01 -15.08
N LEU A 185 2.19 8.30 -15.36
CA LEU A 185 0.91 8.93 -15.70
C LEU A 185 0.17 8.12 -16.77
N ALA A 186 0.92 7.64 -17.77
CA ALA A 186 0.33 6.88 -18.85
C ALA A 186 -0.45 5.70 -18.33
N ASN A 187 0.05 5.04 -17.29
CA ASN A 187 -0.68 3.89 -16.78
C ASN A 187 -1.93 4.23 -15.98
N ALA A 188 -1.87 5.29 -15.17
CA ALA A 188 -3.04 5.69 -14.40
C ALA A 188 -4.19 5.96 -15.38
N ALA A 189 -3.85 6.26 -16.62
CA ALA A 189 -4.87 6.53 -17.62
C ALA A 189 -5.43 5.19 -18.08
N LEU A 190 -4.55 4.20 -18.23
CA LEU A 190 -4.95 2.87 -18.66
C LEU A 190 -5.67 2.12 -17.55
N GLU A 191 -5.25 2.40 -16.31
CA GLU A 191 -5.83 1.76 -15.14
C GLU A 191 -7.04 2.57 -14.70
N GLY A 192 -7.12 3.81 -15.17
CA GLY A 192 -8.22 4.69 -14.82
C GLY A 192 -8.04 5.36 -13.48
N THR A 193 -6.80 5.44 -13.00
CA THR A 193 -6.47 6.06 -11.72
C THR A 193 -6.36 7.58 -11.84
N LEU A 194 -6.01 8.04 -13.05
CA LEU A 194 -5.91 9.47 -13.33
C LEU A 194 -7.27 9.94 -13.84
N PRO A 195 -7.92 10.84 -13.07
CA PRO A 195 -9.25 11.40 -13.39
C PRO A 195 -9.25 12.15 -14.72
N MET A 196 -10.07 11.73 -15.67
CA MET A 196 -10.13 12.43 -16.95
C MET A 196 -11.20 13.52 -16.88
N THR A 197 -11.91 13.54 -15.77
CA THR A 197 -12.99 14.49 -15.55
C THR A 197 -12.92 15.14 -14.17
N ILE A 198 -13.18 16.45 -14.14
CA ILE A 198 -13.18 17.22 -12.90
C ILE A 198 -13.91 16.48 -11.80
N PRO A 199 -13.18 15.97 -10.79
CA PRO A 199 -13.75 15.23 -9.65
C PRO A 199 -14.45 16.16 -8.64
N GLY A 200 -15.49 15.64 -7.99
CA GLY A 200 -16.25 16.43 -7.02
C GLY A 200 -15.39 17.12 -5.97
N ASP A 201 -14.41 16.39 -5.44
CA ASP A 201 -13.50 16.94 -4.42
C ASP A 201 -12.09 17.16 -4.96
N VAL A 202 -11.92 18.30 -5.63
CA VAL A 202 -10.64 18.69 -6.22
C VAL A 202 -9.50 18.59 -5.23
N GLU A 203 -9.64 19.34 -4.14
CA GLU A 203 -8.65 19.39 -3.08
C GLU A 203 -8.09 18.00 -2.83
N GLN A 204 -8.94 17.09 -2.37
CA GLN A 204 -8.51 15.74 -2.09
C GLN A 204 -7.83 15.18 -3.32
N ALA A 205 -8.59 14.99 -4.39
CA ALA A 205 -8.04 14.44 -5.62
C ALA A 205 -6.66 14.96 -6.01
N MET A 206 -6.41 16.27 -5.81
CA MET A 206 -5.11 16.86 -6.13
C MET A 206 -4.05 16.28 -5.21
N LYS A 207 -4.43 16.14 -3.94
CA LYS A 207 -3.56 15.56 -2.92
C LYS A 207 -3.17 14.16 -3.40
N THR A 208 -4.16 13.42 -3.87
CA THR A 208 -3.95 12.07 -4.38
C THR A 208 -2.99 12.10 -5.57
N LEU A 209 -3.11 13.12 -6.41
CA LEU A 209 -2.25 13.23 -7.57
C LEU A 209 -0.79 13.41 -7.21
N GLN A 210 -0.55 13.95 -6.02
CA GLN A 210 0.82 14.21 -5.59
C GLN A 210 1.55 12.98 -5.08
N THR A 211 0.80 11.91 -4.88
CA THR A 211 1.39 10.66 -4.44
C THR A 211 2.12 10.14 -5.68
N PHE A 212 1.70 10.62 -6.84
CA PHE A 212 2.31 10.21 -8.11
C PHE A 212 3.73 10.74 -8.22
N PRO A 213 4.64 9.93 -8.78
CA PRO A 213 6.03 10.38 -8.93
C PRO A 213 6.16 11.42 -10.05
N GLY A 214 6.72 12.58 -9.70
CA GLY A 214 6.92 13.62 -10.68
C GLY A 214 5.89 14.74 -10.58
N ILE A 215 4.90 14.56 -9.72
CA ILE A 215 3.85 15.55 -9.56
C ILE A 215 3.84 16.20 -8.19
N GLY A 216 4.37 17.42 -8.13
CA GLY A 216 4.40 18.16 -6.88
C GLY A 216 3.13 18.99 -6.79
N ARG A 217 3.01 19.84 -5.78
CA ARG A 217 1.82 20.65 -5.67
C ARG A 217 1.60 21.46 -6.94
N TRP A 218 2.66 22.04 -7.50
CA TRP A 218 2.51 22.84 -8.71
C TRP A 218 1.91 22.10 -9.90
N THR A 219 2.44 20.92 -10.20
CA THR A 219 1.93 20.13 -11.32
C THR A 219 0.50 19.71 -11.00
N ALA A 220 0.21 19.51 -9.72
CA ALA A 220 -1.13 19.10 -9.31
C ALA A 220 -2.09 20.26 -9.52
N ASN A 221 -1.76 21.40 -8.94
CA ASN A 221 -2.58 22.61 -9.07
C ASN A 221 -2.83 22.88 -10.53
N TYR A 222 -1.74 23.11 -11.27
CA TYR A 222 -1.82 23.42 -12.70
C TYR A 222 -2.67 22.44 -13.49
N PHE A 223 -2.34 21.17 -13.37
CA PHE A 223 -3.10 20.13 -14.08
C PHE A 223 -4.58 20.26 -13.71
N ALA A 224 -4.83 20.51 -12.43
CA ALA A 224 -6.19 20.65 -11.94
C ALA A 224 -6.85 21.79 -12.69
N LEU A 225 -6.15 22.91 -12.80
CA LEU A 225 -6.66 24.08 -13.48
C LEU A 225 -6.86 23.88 -14.98
N ARG A 226 -5.88 23.31 -15.66
CA ARG A 226 -6.01 23.10 -17.10
C ARG A 226 -6.76 21.84 -17.49
N GLY A 227 -6.28 20.69 -17.02
CA GLY A 227 -6.91 19.40 -17.32
C GLY A 227 -8.35 19.24 -16.89
N TRP A 228 -8.72 19.81 -15.74
CA TRP A 228 -10.08 19.71 -15.23
C TRP A 228 -10.83 21.04 -15.30
N GLN A 229 -10.14 22.09 -15.72
CA GLN A 229 -10.75 23.40 -15.77
C GLN A 229 -11.31 23.79 -14.40
N ALA A 230 -10.63 23.39 -13.33
CA ALA A 230 -11.04 23.74 -11.98
C ALA A 230 -10.99 25.27 -11.87
N LYS A 231 -12.06 25.89 -11.40
CA LYS A 231 -12.16 27.35 -11.31
C LYS A 231 -11.82 28.07 -9.99
N ASP A 232 -11.30 27.35 -8.99
CA ASP A 232 -10.98 27.98 -7.71
C ASP A 232 -9.67 27.45 -7.12
N VAL A 233 -8.64 27.40 -7.97
CA VAL A 233 -7.33 26.91 -7.56
C VAL A 233 -6.24 27.88 -7.99
N PHE A 234 -5.49 28.40 -7.01
CA PHE A 234 -4.41 29.34 -7.27
C PHE A 234 -3.04 28.65 -7.33
N LEU A 235 -2.05 29.33 -7.91
CA LEU A 235 -0.70 28.77 -8.05
C LEU A 235 0.39 29.62 -7.37
N PRO A 236 0.44 29.62 -6.03
CA PRO A 236 1.45 30.43 -5.34
C PRO A 236 2.88 29.92 -5.57
N ASP A 237 2.97 28.69 -6.04
CA ASP A 237 4.24 28.04 -6.31
C ASP A 237 4.80 28.50 -7.64
N ASP A 238 3.91 28.82 -8.58
CA ASP A 238 4.30 29.25 -9.91
C ASP A 238 5.41 30.29 -9.95
N TYR A 239 6.20 30.22 -11.01
CA TYR A 239 7.31 31.15 -11.18
C TYR A 239 6.82 32.59 -11.22
N LEU A 240 6.31 32.98 -12.39
CA LEU A 240 5.82 34.34 -12.59
C LEU A 240 4.92 34.83 -11.47
N ILE A 241 4.27 33.92 -10.75
CA ILE A 241 3.39 34.32 -9.67
C ILE A 241 4.16 34.84 -8.46
N LYS A 242 5.26 34.19 -8.14
CA LYS A 242 6.07 34.65 -7.02
C LYS A 242 6.62 36.03 -7.39
N GLN A 243 6.84 36.22 -8.68
CA GLN A 243 7.36 37.47 -9.24
C GLN A 243 6.28 38.55 -9.31
N ARG A 244 5.03 38.14 -9.11
CA ARG A 244 3.90 39.06 -9.13
C ARG A 244 3.57 39.54 -7.72
N PHE A 245 4.13 38.85 -6.73
CA PHE A 245 3.96 39.23 -5.33
C PHE A 245 5.39 39.35 -4.80
N PRO A 246 6.30 39.99 -5.58
CA PRO A 246 7.70 40.18 -5.22
C PRO A 246 8.06 40.01 -3.75
N GLY A 247 8.84 38.97 -3.47
CA GLY A 247 9.26 38.69 -2.11
C GLY A 247 8.12 38.24 -1.22
N MET A 248 7.62 37.03 -1.46
CA MET A 248 6.54 36.49 -0.64
C MET A 248 6.50 34.97 -0.64
N THR A 249 6.05 34.42 0.48
CA THR A 249 5.96 32.99 0.70
C THR A 249 4.62 32.40 0.25
N PRO A 250 4.66 31.25 -0.46
CA PRO A 250 3.52 30.51 -1.00
C PRO A 250 2.26 30.44 -0.12
N ALA A 251 2.42 30.61 1.19
CA ALA A 251 1.28 30.55 2.11
C ALA A 251 0.66 31.93 2.33
N GLN A 252 1.47 32.98 2.19
CA GLN A 252 0.96 34.33 2.34
C GLN A 252 0.28 34.65 1.01
N ILE A 253 0.91 34.23 -0.08
CA ILE A 253 0.39 34.42 -1.42
C ILE A 253 -0.94 33.68 -1.49
N ARG A 254 -0.91 32.38 -1.18
CA ARG A 254 -2.11 31.54 -1.21
C ARG A 254 -3.16 32.05 -0.22
N ARG A 255 -2.72 32.74 0.82
CA ARG A 255 -3.64 33.29 1.80
C ARG A 255 -4.23 34.56 1.18
N TYR A 256 -3.39 35.27 0.44
CA TYR A 256 -3.78 36.50 -0.24
C TYR A 256 -5.01 36.24 -1.12
N ALA A 257 -4.76 35.50 -2.21
CA ALA A 257 -5.76 35.15 -3.22
C ALA A 257 -7.08 34.58 -2.70
N GLU A 258 -7.26 34.57 -1.38
CA GLU A 258 -8.48 34.04 -0.80
C GLU A 258 -9.66 34.99 -0.98
N ARG A 259 -9.37 36.22 -1.35
CA ARG A 259 -10.40 37.22 -1.57
C ARG A 259 -11.05 36.98 -2.92
N TRP A 260 -10.33 36.28 -3.79
CA TRP A 260 -10.81 35.96 -5.13
C TRP A 260 -11.50 34.61 -5.18
N LYS A 261 -12.27 34.31 -4.14
CA LYS A 261 -12.98 33.04 -4.08
C LYS A 261 -14.42 33.24 -4.55
N PRO A 262 -14.98 32.24 -5.27
CA PRO A 262 -14.33 30.98 -5.67
C PRO A 262 -13.89 30.92 -7.14
N TRP A 263 -13.12 31.91 -7.59
CA TRP A 263 -12.64 31.95 -8.97
C TRP A 263 -11.15 32.27 -9.01
N ARG A 264 -10.38 31.64 -8.13
CA ARG A 264 -8.95 31.88 -8.06
C ARG A 264 -8.19 31.43 -9.29
N SER A 265 -8.82 30.59 -10.11
CA SER A 265 -8.18 30.14 -11.34
C SER A 265 -8.20 31.32 -12.30
N TYR A 266 -9.29 32.08 -12.21
CA TYR A 266 -9.51 33.26 -13.05
C TYR A 266 -8.68 34.46 -12.53
N ALA A 267 -8.59 34.59 -11.22
CA ALA A 267 -7.82 35.67 -10.64
C ALA A 267 -6.38 35.42 -11.00
N LEU A 268 -5.99 34.14 -11.04
CA LEU A 268 -4.63 33.78 -11.37
C LEU A 268 -4.33 34.22 -12.80
N LEU A 269 -5.18 33.80 -13.73
CA LEU A 269 -5.00 34.14 -15.12
C LEU A 269 -4.91 35.66 -15.34
N HIS A 270 -5.61 36.44 -14.54
CA HIS A 270 -5.55 37.89 -14.69
C HIS A 270 -4.24 38.47 -14.20
N ILE A 271 -3.64 37.81 -13.22
CA ILE A 271 -2.37 38.27 -12.71
C ILE A 271 -1.31 38.04 -13.77
N TRP A 272 -1.20 36.80 -14.26
CA TRP A 272 -0.21 36.49 -15.31
C TRP A 272 -0.31 37.54 -16.40
N TYR A 273 -1.42 37.52 -17.11
CA TYR A 273 -1.63 38.44 -18.20
C TYR A 273 -2.02 39.86 -17.80
N THR A 274 -1.15 40.48 -17.01
CA THR A 274 -1.28 41.86 -16.56
C THR A 274 0.16 42.30 -16.40
N GLU A 275 0.77 42.65 -17.53
CA GLU A 275 2.16 43.07 -17.63
C GLU A 275 2.90 43.46 -16.35
N GLY A 276 2.25 44.20 -15.46
CA GLY A 276 2.91 44.61 -14.23
C GLY A 276 2.01 44.75 -13.02
N TRP A 277 1.34 43.68 -12.64
CA TRP A 277 0.43 43.70 -11.49
C TRP A 277 1.17 43.43 -10.20
N GLN A 278 1.17 44.42 -9.31
CA GLN A 278 1.82 44.26 -8.02
C GLN A 278 0.73 44.36 -6.96
N PRO A 279 0.70 43.39 -6.02
CA PRO A 279 -0.31 43.37 -4.95
C PRO A 279 -0.74 44.76 -4.45
N ASP A 280 -2.06 44.92 -4.28
CA ASP A 280 -2.65 46.17 -3.82
C ASP A 280 -1.85 46.85 -2.73
N GLU A 281 -1.32 48.03 -3.02
CA GLU A 281 -0.53 48.79 -2.05
C GLU A 281 -1.35 49.16 -0.82
N ALA A 282 -1.68 48.17 0.00
CA ALA A 282 -2.46 48.41 1.21
C ALA A 282 -1.54 48.73 2.39
N MET B 1 25.70 -19.44 39.86
CA MET B 1 25.25 -20.61 39.05
C MET B 1 25.89 -20.57 37.65
N TYR B 2 25.28 -19.88 36.69
CA TYR B 2 25.84 -19.79 35.35
C TYR B 2 26.80 -18.63 35.31
N THR B 3 27.84 -18.75 34.50
CA THR B 3 28.81 -17.68 34.39
C THR B 3 29.07 -17.29 32.94
N LEU B 4 29.12 -15.97 32.72
CA LEU B 4 29.38 -15.40 31.41
C LEU B 4 30.63 -14.54 31.56
N ASN B 5 31.41 -14.46 30.50
CA ASN B 5 32.66 -13.69 30.52
C ASN B 5 32.49 -12.30 29.94
N TRP B 6 33.47 -11.45 30.20
CA TRP B 6 33.49 -10.09 29.67
C TRP B 6 34.94 -9.61 29.55
N GLN B 7 35.19 -8.70 28.61
CA GLN B 7 36.52 -8.14 28.41
C GLN B 7 36.70 -6.93 29.32
N PRO B 8 37.87 -6.80 29.97
CA PRO B 8 38.10 -5.66 30.85
C PRO B 8 38.48 -4.46 30.01
N PRO B 9 38.22 -3.23 30.47
CA PRO B 9 37.59 -2.81 31.73
C PRO B 9 36.09 -2.91 31.66
N TYR B 10 35.44 -2.84 32.82
CA TYR B 10 33.98 -2.88 32.88
C TYR B 10 33.53 -2.09 34.09
N ASP B 11 33.08 -0.85 33.84
CA ASP B 11 32.62 0.06 34.89
C ASP B 11 31.30 -0.39 35.48
N TRP B 12 31.34 -1.33 36.41
CA TRP B 12 30.11 -1.80 37.00
C TRP B 12 29.39 -0.73 37.79
N SER B 13 30.13 0.13 38.46
CA SER B 13 29.52 1.19 39.24
C SER B 13 28.61 2.05 38.38
N TRP B 14 29.10 2.44 37.20
CA TRP B 14 28.35 3.25 36.27
C TRP B 14 27.13 2.49 35.78
N MET B 15 27.37 1.29 35.27
CA MET B 15 26.32 0.42 34.75
C MET B 15 25.20 0.17 35.74
N LEU B 16 25.51 -0.44 36.89
CA LEU B 16 24.47 -0.69 37.88
C LEU B 16 23.81 0.62 38.29
N GLY B 17 24.61 1.69 38.27
CA GLY B 17 24.11 3.01 38.63
C GLY B 17 23.09 3.52 37.63
N PHE B 18 23.34 3.24 36.36
CA PHE B 18 22.44 3.67 35.30
C PHE B 18 21.14 2.89 35.37
N LEU B 19 21.24 1.57 35.54
CA LEU B 19 20.06 0.70 35.63
C LEU B 19 19.24 1.05 36.85
N ALA B 20 19.92 1.20 37.96
CA ALA B 20 19.24 1.54 39.20
C ALA B 20 18.36 2.77 39.03
N ALA B 21 18.94 3.85 38.53
CA ALA B 21 18.19 5.09 38.37
C ALA B 21 16.91 4.94 37.58
N ARG B 22 16.86 3.95 36.71
CA ARG B 22 15.69 3.74 35.88
C ARG B 22 14.94 2.49 36.31
N ALA B 23 15.38 1.94 37.45
CA ALA B 23 14.80 0.73 37.99
C ALA B 23 13.31 0.85 38.25
N VAL B 24 12.59 -0.07 37.62
CA VAL B 24 11.16 -0.14 37.77
C VAL B 24 10.85 -1.02 38.98
N SER B 25 10.05 -0.49 39.89
CA SER B 25 9.68 -1.21 41.10
C SER B 25 8.82 -2.45 40.88
N SER B 26 9.11 -3.48 41.66
CA SER B 26 8.39 -4.74 41.57
C SER B 26 8.88 -5.55 40.40
N VAL B 27 9.65 -4.91 39.52
CA VAL B 27 10.18 -5.62 38.35
C VAL B 27 11.65 -5.94 38.53
N GLU B 28 12.42 -4.95 38.96
CA GLU B 28 13.85 -5.14 39.13
C GLU B 28 14.40 -4.53 40.42
N THR B 29 15.57 -5.03 40.82
CA THR B 29 16.26 -4.57 42.03
C THR B 29 17.72 -4.35 41.68
N VAL B 30 18.29 -3.28 42.21
CA VAL B 30 19.69 -2.99 41.92
C VAL B 30 20.45 -2.56 43.16
N ALA B 31 21.50 -3.28 43.51
CA ALA B 31 22.30 -2.92 44.67
C ALA B 31 23.75 -2.74 44.25
N ASP B 32 24.52 -2.03 45.05
CA ASP B 32 25.91 -1.80 44.71
C ASP B 32 26.55 -3.08 44.14
N SER B 33 26.17 -4.23 44.69
CA SER B 33 26.77 -5.48 44.27
C SER B 33 26.05 -6.43 43.31
N TYR B 34 24.78 -6.18 43.01
CA TYR B 34 24.08 -7.08 42.09
C TYR B 34 22.85 -6.46 41.44
N TYR B 35 22.30 -7.19 40.47
CA TYR B 35 21.11 -6.79 39.73
C TYR B 35 20.19 -7.99 39.60
N ALA B 36 18.95 -7.84 40.06
CA ALA B 36 17.98 -8.93 39.98
C ALA B 36 16.62 -8.44 39.54
N ARG B 37 16.03 -9.12 38.56
CA ARG B 37 14.69 -8.76 38.06
C ARG B 37 13.84 -9.98 37.72
N SER B 38 12.56 -9.74 37.51
CA SER B 38 11.63 -10.79 37.12
C SER B 38 11.89 -11.03 35.64
N LEU B 39 11.57 -12.22 35.16
CA LEU B 39 11.78 -12.55 33.77
C LEU B 39 10.81 -13.60 33.29
N ALA B 40 10.10 -13.27 32.22
CA ALA B 40 9.15 -14.20 31.64
C ALA B 40 9.71 -14.57 30.27
N VAL B 41 9.54 -15.83 29.90
CA VAL B 41 10.00 -16.32 28.61
C VAL B 41 8.93 -17.32 28.22
N GLY B 42 7.81 -16.79 27.73
CA GLY B 42 6.71 -17.65 27.36
C GLY B 42 6.04 -18.03 28.67
N GLU B 43 5.71 -19.31 28.82
CA GLU B 43 5.05 -19.80 30.04
C GLU B 43 6.05 -20.18 31.13
N TYR B 44 7.19 -19.50 31.14
CA TYR B 44 8.24 -19.75 32.13
C TYR B 44 8.60 -18.46 32.84
N ARG B 45 8.33 -18.38 34.12
CA ARG B 45 8.66 -17.17 34.85
C ARG B 45 9.61 -17.51 35.99
N GLY B 46 10.40 -16.51 36.40
CA GLY B 46 11.32 -16.73 37.50
C GLY B 46 11.97 -15.41 37.82
N VAL B 47 13.09 -15.44 38.54
CA VAL B 47 13.79 -14.22 38.87
C VAL B 47 15.24 -14.43 38.48
N VAL B 48 15.77 -13.52 37.67
CA VAL B 48 17.17 -13.60 37.25
C VAL B 48 17.96 -12.73 38.21
N THR B 49 19.16 -13.17 38.54
CA THR B 49 20.03 -12.42 39.43
C THR B 49 21.41 -12.41 38.85
N ALA B 50 21.99 -11.23 38.74
CA ALA B 50 23.32 -11.14 38.18
C ALA B 50 24.26 -10.52 39.16
N ILE B 51 25.40 -11.17 39.36
CA ILE B 51 26.43 -10.70 40.28
C ILE B 51 27.76 -10.70 39.57
N PRO B 52 28.30 -9.51 39.31
CA PRO B 52 29.59 -9.41 38.62
C PRO B 52 30.78 -9.69 39.53
N ASP B 53 31.65 -10.60 39.08
CA ASP B 53 32.85 -10.97 39.80
C ASP B 53 34.07 -10.28 39.16
N ILE B 54 34.42 -9.10 39.65
CA ILE B 54 35.55 -8.37 39.08
C ILE B 54 36.85 -9.15 38.98
N ALA B 55 37.15 -9.98 39.98
CA ALA B 55 38.39 -10.76 39.97
C ALA B 55 38.47 -11.74 38.80
N ARG B 56 37.49 -12.64 38.71
CA ARG B 56 37.44 -13.64 37.64
C ARG B 56 37.11 -13.06 36.25
N HIS B 57 36.65 -11.81 36.19
CA HIS B 57 36.25 -11.16 34.93
C HIS B 57 35.09 -11.97 34.40
N THR B 58 34.07 -12.14 35.25
CA THR B 58 32.88 -12.92 34.94
C THR B 58 31.60 -12.38 35.58
N LEU B 59 30.46 -12.63 34.94
CA LEU B 59 29.18 -12.22 35.48
C LEU B 59 28.49 -13.50 35.89
N HIS B 60 28.13 -13.61 37.17
CA HIS B 60 27.45 -14.81 37.66
C HIS B 60 25.96 -14.63 37.51
N ILE B 61 25.33 -15.58 36.84
CA ILE B 61 23.90 -15.53 36.58
C ILE B 61 23.15 -16.61 37.30
N ASN B 62 22.24 -16.21 38.19
CA ASN B 62 21.43 -17.19 38.89
C ASN B 62 19.98 -17.15 38.37
N LEU B 63 19.31 -18.31 38.33
CA LEU B 63 17.94 -18.36 37.85
C LEU B 63 17.01 -19.12 38.77
N SER B 64 15.88 -18.53 39.14
CA SER B 64 14.92 -19.25 40.00
C SER B 64 14.42 -20.47 39.19
N ALA B 65 13.96 -21.48 39.91
CA ALA B 65 13.51 -22.73 39.31
C ALA B 65 12.56 -22.64 38.10
N GLY B 66 11.74 -21.60 38.06
CA GLY B 66 10.80 -21.50 36.96
C GLY B 66 11.41 -21.33 35.58
N LEU B 67 12.58 -20.72 35.51
CA LEU B 67 13.22 -20.46 34.24
C LEU B 67 14.27 -21.47 33.74
N GLU B 68 14.53 -22.51 34.52
CA GLU B 68 15.55 -23.48 34.14
C GLU B 68 15.41 -24.20 32.78
N PRO B 69 14.20 -24.27 32.20
CA PRO B 69 14.03 -24.94 30.90
C PRO B 69 14.41 -24.03 29.74
N VAL B 70 14.48 -22.72 30.02
CA VAL B 70 14.83 -21.73 29.01
C VAL B 70 16.06 -20.97 29.48
N ALA B 71 16.83 -21.65 30.31
CA ALA B 71 18.05 -21.12 30.91
C ALA B 71 18.94 -20.37 29.92
N ALA B 72 19.34 -21.04 28.84
CA ALA B 72 20.21 -20.39 27.88
C ALA B 72 19.61 -19.09 27.33
N GLU B 73 18.36 -19.09 26.92
CA GLU B 73 17.83 -17.83 26.40
C GLU B 73 17.84 -16.72 27.44
N CYS B 74 17.82 -17.09 28.71
CA CYS B 74 17.85 -16.11 29.79
C CYS B 74 19.25 -15.53 29.91
N LEU B 75 20.23 -16.36 29.57
CA LEU B 75 21.61 -15.93 29.61
C LEU B 75 21.82 -14.97 28.45
N ALA B 76 21.34 -15.38 27.28
CA ALA B 76 21.44 -14.56 26.09
C ALA B 76 20.85 -13.18 26.37
N LYS B 77 19.74 -13.15 27.11
CA LYS B 77 19.10 -11.88 27.43
C LYS B 77 20.01 -11.05 28.29
N MET B 78 20.49 -11.66 29.37
CA MET B 78 21.37 -10.94 30.27
C MET B 78 22.58 -10.38 29.54
N SER B 79 23.12 -11.16 28.60
CA SER B 79 24.31 -10.73 27.87
C SER B 79 24.05 -9.46 27.08
N ARG B 80 22.86 -9.33 26.52
CA ARG B 80 22.52 -8.14 25.75
C ARG B 80 22.31 -6.98 26.69
N LEU B 81 21.61 -7.24 27.78
CA LEU B 81 21.36 -6.21 28.76
C LEU B 81 22.66 -5.68 29.28
N PHE B 82 23.66 -6.52 29.48
CA PHE B 82 24.95 -6.04 30.02
C PHE B 82 26.12 -5.83 29.03
N ASP B 83 25.82 -5.76 27.74
CA ASP B 83 26.84 -5.52 26.71
C ASP B 83 28.13 -6.33 26.85
N LEU B 84 28.02 -7.56 27.35
CA LEU B 84 29.19 -8.42 27.54
C LEU B 84 30.04 -8.70 26.31
N GLN B 85 29.48 -8.60 25.11
CA GLN B 85 30.25 -8.86 23.91
C GLN B 85 31.27 -7.78 23.61
N CYS B 86 31.05 -6.58 24.14
CA CYS B 86 31.92 -5.44 23.87
C CYS B 86 33.42 -5.57 24.18
N ASN B 87 34.25 -5.28 23.17
CA ASN B 87 35.70 -5.30 23.34
C ASN B 87 36.18 -3.85 23.44
N PRO B 88 36.25 -3.31 24.66
CA PRO B 88 36.68 -1.93 24.90
C PRO B 88 37.97 -1.44 24.23
N GLN B 89 38.85 -2.34 23.81
CA GLN B 89 40.06 -1.90 23.15
C GLN B 89 39.67 -1.39 21.76
N ILE B 90 38.75 -2.09 21.10
CA ILE B 90 38.31 -1.65 19.77
C ILE B 90 37.62 -0.31 19.86
N VAL B 91 36.58 -0.22 20.67
CA VAL B 91 35.89 1.06 20.78
C VAL B 91 36.76 2.22 21.23
N ASN B 92 37.29 2.16 22.45
CA ASN B 92 38.12 3.23 22.95
C ASN B 92 39.27 3.61 22.03
N GLY B 93 39.96 2.60 21.50
CA GLY B 93 41.07 2.86 20.61
C GLY B 93 40.67 3.54 19.32
N ALA B 94 39.37 3.72 19.14
CA ALA B 94 38.84 4.34 17.93
C ALA B 94 38.03 5.57 18.32
N LEU B 95 37.37 5.46 19.47
CA LEU B 95 36.55 6.53 20.02
C LEU B 95 37.48 7.63 20.49
N GLY B 96 38.79 7.35 20.44
CA GLY B 96 39.79 8.31 20.86
C GLY B 96 39.70 8.77 22.30
N ARG B 97 40.10 10.01 22.53
CA ARG B 97 40.10 10.61 23.87
C ARG B 97 38.73 10.72 24.50
N LEU B 98 37.71 10.61 23.67
CA LEU B 98 36.35 10.77 24.15
C LEU B 98 35.99 9.95 25.36
N GLY B 99 36.47 8.72 25.41
CA GLY B 99 36.14 7.87 26.53
C GLY B 99 37.37 7.34 27.21
N ALA B 100 38.41 8.16 27.26
CA ALA B 100 39.66 7.76 27.88
C ALA B 100 39.53 7.76 29.38
N ALA B 101 38.68 8.64 29.89
CA ALA B 101 38.49 8.75 31.33
C ALA B 101 37.72 7.57 31.92
N ARG B 102 36.75 7.07 31.19
CA ARG B 102 35.96 5.95 31.68
C ARG B 102 35.85 4.85 30.64
N PRO B 103 36.97 4.22 30.32
CA PRO B 103 37.08 3.14 29.33
C PRO B 103 36.17 1.92 29.57
N GLY B 104 35.62 1.80 30.78
CA GLY B 104 34.76 0.66 31.07
C GLY B 104 33.29 0.90 30.81
N LEU B 105 32.98 1.94 30.06
CA LEU B 105 31.60 2.30 29.73
C LEU B 105 30.98 1.20 28.84
N ARG B 106 29.69 0.91 29.02
CA ARG B 106 29.00 -0.12 28.23
C ARG B 106 27.60 0.32 27.80
N LEU B 107 27.06 -0.36 26.80
CA LEU B 107 25.73 -0.02 26.28
C LEU B 107 24.66 -0.74 27.09
N PRO B 108 23.85 0.00 27.86
CA PRO B 108 22.81 -0.64 28.67
C PRO B 108 21.69 -1.17 27.78
N GLY B 109 21.76 -2.46 27.46
CA GLY B 109 20.74 -3.03 26.61
C GLY B 109 19.47 -3.21 27.40
N CYS B 110 18.72 -4.24 27.05
CA CYS B 110 17.47 -4.54 27.72
C CYS B 110 17.30 -6.04 27.64
N VAL B 111 16.27 -6.57 28.28
CA VAL B 111 16.04 -8.00 28.26
C VAL B 111 14.79 -8.38 27.44
N ASP B 112 14.19 -7.40 26.78
CA ASP B 112 13.01 -7.61 25.94
C ASP B 112 12.68 -6.32 25.22
N ALA B 113 12.83 -6.34 23.89
CA ALA B 113 12.58 -5.18 23.05
C ALA B 113 11.26 -4.48 23.35
N PHE B 114 10.17 -5.24 23.51
CA PHE B 114 8.87 -4.67 23.80
C PHE B 114 8.89 -3.86 25.08
N GLU B 115 9.39 -4.47 26.15
CA GLU B 115 9.48 -3.77 27.42
C GLU B 115 10.20 -2.47 27.12
N GLN B 116 11.30 -2.60 26.38
CA GLN B 116 12.10 -1.44 26.04
C GLN B 116 11.34 -0.36 25.26
N GLY B 117 10.48 -0.81 24.33
CA GLY B 117 9.68 0.14 23.59
C GLY B 117 8.83 0.86 24.62
N VAL B 118 8.06 0.10 25.38
CA VAL B 118 7.22 0.69 26.41
C VAL B 118 7.98 1.69 27.25
N ARG B 119 9.22 1.35 27.58
CA ARG B 119 10.00 2.26 28.41
C ARG B 119 10.45 3.51 27.68
N ALA B 120 10.76 3.39 26.39
CA ALA B 120 11.20 4.55 25.61
C ALA B 120 10.02 5.50 25.49
N ILE B 121 8.84 4.93 25.28
CA ILE B 121 7.62 5.71 25.17
C ILE B 121 7.29 6.37 26.49
N LEU B 122 7.02 5.57 27.53
CA LEU B 122 6.69 6.12 28.83
C LEU B 122 7.66 7.20 29.26
N GLY B 123 8.93 6.99 28.97
CA GLY B 123 9.93 7.97 29.38
C GLY B 123 9.99 9.28 28.62
N GLN B 124 9.08 9.52 27.68
CA GLN B 124 9.09 10.76 26.90
C GLN B 124 8.60 11.97 27.69
N LEU B 125 9.34 13.07 27.58
CA LEU B 125 8.98 14.33 28.22
C LEU B 125 9.14 14.45 29.73
N VAL B 126 9.27 13.33 30.44
CA VAL B 126 9.41 13.36 31.88
C VAL B 126 10.79 12.96 32.38
N SER B 127 11.07 13.19 33.67
CA SER B 127 12.37 12.82 34.24
C SER B 127 12.49 11.30 34.40
N VAL B 128 13.74 10.82 34.47
CA VAL B 128 14.02 9.39 34.60
C VAL B 128 13.22 8.82 35.77
N ALA B 129 13.13 9.61 36.83
CA ALA B 129 12.39 9.24 38.01
C ALA B 129 10.90 9.03 37.66
N MET B 130 10.26 10.05 37.11
CA MET B 130 8.86 9.92 36.75
C MET B 130 8.61 8.70 35.88
N ALA B 131 9.47 8.49 34.88
CA ALA B 131 9.32 7.35 33.99
C ALA B 131 9.27 6.04 34.77
N ALA B 132 10.18 5.91 35.72
CA ALA B 132 10.25 4.72 36.53
C ALA B 132 8.95 4.50 37.27
N LYS B 133 8.46 5.54 37.97
CA LYS B 133 7.20 5.41 38.73
C LYS B 133 6.03 5.18 37.78
N LEU B 134 6.10 5.79 36.61
CA LEU B 134 5.05 5.66 35.63
C LEU B 134 4.98 4.20 35.23
N THR B 135 6.09 3.68 34.70
CA THR B 135 6.19 2.28 34.26
C THR B 135 5.77 1.35 35.38
N ALA B 136 6.31 1.58 36.57
CA ALA B 136 5.99 0.78 37.73
C ALA B 136 4.49 0.63 37.87
N ARG B 137 3.74 1.73 37.79
CA ARG B 137 2.28 1.63 37.90
C ARG B 137 1.75 0.68 36.82
N VAL B 138 2.20 0.88 35.60
CA VAL B 138 1.76 0.07 34.48
C VAL B 138 2.00 -1.41 34.70
N ALA B 139 3.18 -1.71 35.24
CA ALA B 139 3.58 -3.09 35.48
C ALA B 139 2.73 -3.71 36.58
N GLN B 140 2.50 -2.95 37.65
CA GLN B 140 1.73 -3.45 38.80
C GLN B 140 0.27 -3.76 38.49
N LEU B 141 -0.21 -3.34 37.32
CA LEU B 141 -1.60 -3.56 36.92
C LEU B 141 -1.81 -4.65 35.87
N TYR B 142 -0.99 -4.63 34.82
CA TYR B 142 -1.13 -5.59 33.73
C TYR B 142 -0.08 -6.70 33.73
N GLY B 143 0.81 -6.69 34.73
CA GLY B 143 1.83 -7.71 34.80
C GLY B 143 1.45 -8.94 35.58
N GLU B 144 2.16 -10.04 35.34
CA GLU B 144 1.95 -11.31 36.03
C GLU B 144 2.76 -11.39 37.32
N ARG B 145 2.08 -11.35 38.46
CA ARG B 145 2.75 -11.43 39.75
C ARG B 145 3.25 -12.86 39.91
N LEU B 146 4.53 -13.03 40.27
CA LEU B 146 5.13 -14.35 40.46
C LEU B 146 4.64 -14.95 41.78
N ASP B 147 4.42 -16.27 41.79
CA ASP B 147 3.96 -16.96 42.98
C ASP B 147 5.04 -17.34 43.98
N ASP B 148 6.22 -17.68 43.47
CA ASP B 148 7.32 -18.07 44.34
C ASP B 148 8.04 -16.86 44.94
N PHE B 149 7.84 -15.68 44.34
CA PHE B 149 8.48 -14.45 44.81
C PHE B 149 7.56 -13.24 44.63
N PRO B 150 6.44 -13.25 45.37
CA PRO B 150 5.38 -12.23 45.38
C PRO B 150 5.78 -10.77 45.20
N GLU B 151 6.95 -10.38 45.68
CA GLU B 151 7.30 -8.99 45.50
C GLU B 151 7.65 -8.67 44.03
N TYR B 152 7.71 -9.72 43.21
CA TYR B 152 8.05 -9.60 41.79
C TYR B 152 6.91 -9.87 40.81
N ILE B 153 6.67 -8.94 39.89
CA ILE B 153 5.64 -9.10 38.89
C ILE B 153 6.30 -8.96 37.52
N CYS B 154 6.01 -9.90 36.63
CA CYS B 154 6.57 -9.88 35.27
C CYS B 154 6.03 -8.73 34.45
N PHE B 155 6.92 -7.95 33.83
CA PHE B 155 6.50 -6.83 33.00
C PHE B 155 5.36 -7.28 32.06
N PRO B 156 4.34 -6.43 31.86
CA PRO B 156 3.20 -6.73 31.00
C PRO B 156 3.54 -7.33 29.62
N THR B 157 2.80 -8.37 29.24
CA THR B 157 3.00 -9.01 27.95
C THR B 157 2.30 -8.19 26.87
N PRO B 158 2.57 -8.50 25.58
CA PRO B 158 1.91 -7.74 24.51
C PRO B 158 0.38 -7.86 24.60
N GLN B 159 -0.11 -9.09 24.43
CA GLN B 159 -1.54 -9.35 24.47
C GLN B 159 -2.25 -8.74 25.66
N ARG B 160 -1.51 -8.38 26.70
CA ARG B 160 -2.14 -7.81 27.88
C ARG B 160 -2.29 -6.29 27.76
N LEU B 161 -1.22 -5.61 27.38
CA LEU B 161 -1.23 -4.16 27.21
C LEU B 161 -2.02 -3.82 25.95
N ALA B 162 -2.16 -4.83 25.08
CA ALA B 162 -2.88 -4.67 23.84
C ALA B 162 -4.37 -4.49 24.12
N ALA B 163 -4.87 -5.25 25.08
CA ALA B 163 -6.28 -5.23 25.48
C ALA B 163 -6.60 -4.17 26.53
N ALA B 164 -5.59 -3.45 26.98
CA ALA B 164 -5.81 -2.42 27.98
C ALA B 164 -6.72 -1.31 27.45
N ASP B 165 -7.57 -0.80 28.35
CA ASP B 165 -8.46 0.29 28.00
C ASP B 165 -7.61 1.55 27.97
N PRO B 166 -7.68 2.30 26.86
CA PRO B 166 -6.92 3.53 26.71
C PRO B 166 -7.20 4.55 27.80
N GLN B 167 -8.12 4.22 28.70
CA GLN B 167 -8.43 5.15 29.76
C GLN B 167 -7.73 4.81 31.07
N ALA B 168 -7.49 3.53 31.34
CA ALA B 168 -6.79 3.12 32.57
C ALA B 168 -5.39 3.67 32.46
N LEU B 169 -4.73 3.34 31.36
CA LEU B 169 -3.40 3.83 31.11
C LEU B 169 -3.34 5.33 31.31
N LYS B 170 -4.38 6.04 30.91
CA LYS B 170 -4.37 7.49 31.10
C LYS B 170 -4.39 7.78 32.60
N ALA B 171 -5.21 7.00 33.32
CA ALA B 171 -5.36 7.14 34.76
C ALA B 171 -4.02 7.05 35.50
N LEU B 172 -3.20 6.06 35.13
CA LEU B 172 -1.90 5.86 35.76
C LEU B 172 -1.02 7.12 35.72
N GLY B 173 -1.42 8.10 34.93
CA GLY B 173 -0.65 9.33 34.88
C GLY B 173 0.02 9.66 33.56
N MET B 174 -0.73 9.62 32.46
CA MET B 174 -0.14 9.94 31.16
C MET B 174 -1.23 10.42 30.22
N PRO B 175 -0.87 11.19 29.18
CA PRO B 175 -1.80 11.71 28.18
C PRO B 175 -2.61 10.58 27.58
N LEU B 176 -3.16 10.77 26.39
CA LEU B 176 -3.91 9.68 25.77
C LEU B 176 -3.18 9.21 24.52
N LYS B 177 -2.52 10.13 23.82
CA LYS B 177 -1.79 9.74 22.63
C LYS B 177 -0.78 8.70 23.08
N ARG B 178 -0.15 9.02 24.22
CA ARG B 178 0.85 8.19 24.86
C ARG B 178 0.34 6.79 25.11
N ALA B 179 -0.87 6.70 25.62
CA ALA B 179 -1.49 5.43 25.95
C ALA B 179 -1.88 4.61 24.73
N GLU B 180 -2.31 5.27 23.66
CA GLU B 180 -2.69 4.53 22.45
C GLU B 180 -1.39 4.01 21.85
N ALA B 181 -0.33 4.79 22.06
CA ALA B 181 1.00 4.47 21.58
C ALA B 181 1.43 3.10 22.08
N LEU B 182 1.19 2.85 23.37
CA LEU B 182 1.53 1.58 23.98
C LEU B 182 0.66 0.51 23.37
N ILE B 183 -0.63 0.80 23.24
CA ILE B 183 -1.54 -0.20 22.68
C ILE B 183 -1.16 -0.44 21.22
N HIS B 184 -0.69 0.60 20.53
CA HIS B 184 -0.29 0.38 19.15
C HIS B 184 0.94 -0.53 19.19
N LEU B 185 1.92 -0.13 20.00
CA LEU B 185 3.17 -0.89 20.17
C LEU B 185 2.84 -2.36 20.48
N ALA B 186 2.02 -2.54 21.50
CA ALA B 186 1.60 -3.87 21.92
C ALA B 186 1.03 -4.64 20.73
N ASN B 187 0.37 -3.93 19.82
CA ASN B 187 -0.22 -4.58 18.67
C ASN B 187 0.83 -4.99 17.66
N ALA B 188 1.66 -4.01 17.28
CA ALA B 188 2.71 -4.30 16.33
C ALA B 188 3.39 -5.54 16.89
N ALA B 189 3.61 -5.53 18.20
CA ALA B 189 4.26 -6.64 18.91
C ALA B 189 3.58 -7.99 18.64
N LEU B 190 2.28 -8.05 18.88
CA LEU B 190 1.54 -9.28 18.65
C LEU B 190 1.62 -9.78 17.22
N GLU B 191 1.62 -8.89 16.23
CA GLU B 191 1.67 -9.33 14.83
C GLU B 191 3.07 -9.53 14.23
N GLY B 192 4.11 -9.17 14.95
CA GLY B 192 5.47 -9.35 14.44
C GLY B 192 6.06 -8.15 13.72
N THR B 193 5.43 -6.99 13.88
CA THR B 193 5.87 -5.76 13.24
C THR B 193 6.93 -5.01 14.02
N LEU B 194 6.96 -5.16 15.33
CA LEU B 194 7.97 -4.49 16.15
C LEU B 194 9.18 -5.44 16.17
N PRO B 195 10.31 -5.00 15.61
CA PRO B 195 11.52 -5.83 15.57
C PRO B 195 12.03 -6.12 16.97
N MET B 196 12.11 -7.39 17.33
CA MET B 196 12.57 -7.74 18.66
C MET B 196 14.07 -7.96 18.74
N THR B 197 14.71 -7.96 17.59
CA THR B 197 16.16 -8.15 17.52
C THR B 197 16.69 -7.09 16.56
N ILE B 198 17.97 -6.72 16.66
CA ILE B 198 18.51 -5.71 15.76
C ILE B 198 18.34 -6.09 14.29
N PRO B 199 17.67 -5.21 13.51
CA PRO B 199 17.39 -5.36 12.09
C PRO B 199 18.59 -5.12 11.19
N GLY B 200 18.63 -5.84 10.06
CA GLY B 200 19.73 -5.74 9.12
C GLY B 200 20.17 -4.34 8.73
N ASP B 201 19.21 -3.46 8.50
CA ASP B 201 19.46 -2.06 8.14
C ASP B 201 18.79 -1.24 9.23
N VAL B 202 19.59 -0.78 10.17
CA VAL B 202 19.03 -0.01 11.27
C VAL B 202 18.33 1.25 10.83
N GLU B 203 19.02 2.09 10.07
CA GLU B 203 18.44 3.35 9.61
C GLU B 203 17.05 3.14 9.03
N GLN B 204 16.94 2.16 8.15
CA GLN B 204 15.66 1.87 7.53
C GLN B 204 14.64 1.59 8.63
N ALA B 205 14.92 0.58 9.46
CA ALA B 205 14.03 0.20 10.56
C ALA B 205 13.58 1.38 11.39
N MET B 206 14.47 2.31 11.68
CA MET B 206 14.07 3.46 12.48
C MET B 206 13.06 4.29 11.70
N LYS B 207 13.36 4.48 10.42
CA LYS B 207 12.48 5.24 9.55
C LYS B 207 11.08 4.66 9.76
N THR B 208 10.95 3.36 9.48
CA THR B 208 9.68 2.63 9.63
C THR B 208 9.05 2.78 11.04
N LEU B 209 9.89 2.68 12.06
CA LEU B 209 9.41 2.77 13.41
C LEU B 209 8.68 4.06 13.65
N GLN B 210 9.20 5.16 13.09
CA GLN B 210 8.58 6.47 13.28
C GLN B 210 7.20 6.59 12.68
N THR B 211 6.75 5.57 11.96
CA THR B 211 5.43 5.60 11.36
C THR B 211 4.43 5.25 12.46
N PHE B 212 4.90 4.44 13.42
CA PHE B 212 4.09 4.03 14.56
C PHE B 212 3.57 5.29 15.25
N PRO B 213 2.29 5.32 15.61
CA PRO B 213 1.84 6.54 16.30
C PRO B 213 2.58 6.61 17.62
N GLY B 214 2.77 7.81 18.14
CA GLY B 214 3.44 7.93 19.42
C GLY B 214 4.96 7.88 19.35
N ILE B 215 5.49 7.20 18.36
CA ILE B 215 6.95 7.08 18.20
C ILE B 215 7.55 8.07 17.21
N GLY B 216 8.37 9.00 17.73
CA GLY B 216 9.01 9.97 16.87
C GLY B 216 10.44 9.58 16.58
N ARG B 217 11.28 10.56 16.23
CA ARG B 217 12.66 10.24 15.92
C ARG B 217 13.48 9.97 17.17
N TRP B 218 13.19 10.67 18.26
CA TRP B 218 13.91 10.44 19.51
C TRP B 218 13.63 9.01 19.94
N THR B 219 12.37 8.77 20.31
CA THR B 219 11.94 7.45 20.75
C THR B 219 12.47 6.41 19.77
N ALA B 220 12.28 6.66 18.48
CA ALA B 220 12.77 5.74 17.48
C ALA B 220 14.25 5.44 17.72
N ASN B 221 15.05 6.47 18.00
CA ASN B 221 16.48 6.29 18.25
C ASN B 221 16.75 5.60 19.59
N TYR B 222 16.29 6.21 20.67
CA TYR B 222 16.50 5.64 22.00
C TYR B 222 16.09 4.18 22.07
N PHE B 223 15.23 3.77 21.15
CA PHE B 223 14.79 2.39 21.14
C PHE B 223 15.82 1.55 20.41
N ALA B 224 16.37 2.08 19.33
CA ALA B 224 17.38 1.34 18.57
C ALA B 224 18.62 1.18 19.45
N LEU B 225 18.81 2.09 20.39
CA LEU B 225 19.95 2.03 21.27
C LEU B 225 19.76 1.02 22.39
N ARG B 226 18.78 1.24 23.27
CA ARG B 226 18.57 0.30 24.36
C ARG B 226 17.95 -1.01 23.88
N GLY B 227 16.89 -0.90 23.10
CA GLY B 227 16.16 -2.05 22.60
C GLY B 227 16.85 -3.00 21.63
N TRP B 228 17.71 -2.50 20.76
CA TRP B 228 18.43 -3.38 19.83
C TRP B 228 19.92 -3.35 20.10
N GLN B 229 20.34 -2.47 21.01
CA GLN B 229 21.75 -2.31 21.37
C GLN B 229 22.57 -2.02 20.12
N ALA B 230 22.02 -1.23 19.21
CA ALA B 230 22.73 -0.86 18.00
C ALA B 230 23.88 0.01 18.48
N LYS B 231 25.09 -0.29 18.03
CA LYS B 231 26.26 0.45 18.48
C LYS B 231 26.57 1.74 17.74
N ASP B 232 25.79 2.08 16.72
CA ASP B 232 26.11 3.30 15.99
C ASP B 232 25.00 4.33 15.74
N VAL B 233 24.21 4.62 16.78
CA VAL B 233 23.13 5.60 16.64
C VAL B 233 23.40 6.75 17.61
N PHE B 234 22.97 7.94 17.26
CA PHE B 234 23.18 9.10 18.11
C PHE B 234 21.84 9.72 18.47
N LEU B 235 21.82 10.67 19.39
CA LEU B 235 20.57 11.29 19.77
C LEU B 235 20.61 12.81 19.64
N PRO B 236 20.71 13.31 18.40
CA PRO B 236 20.76 14.76 18.18
C PRO B 236 19.46 15.44 18.60
N ASP B 237 18.54 14.67 19.18
CA ASP B 237 17.24 15.20 19.59
C ASP B 237 17.08 15.33 21.10
N ASP B 238 17.82 14.50 21.85
CA ASP B 238 17.76 14.49 23.30
C ASP B 238 17.97 15.88 23.88
N TYR B 239 17.28 16.18 24.98
CA TYR B 239 17.44 17.48 25.61
C TYR B 239 18.87 17.63 26.12
N LEU B 240 19.30 16.65 26.90
CA LEU B 240 20.64 16.65 27.45
C LEU B 240 21.69 16.86 26.37
N ILE B 241 21.65 16.07 25.31
CA ILE B 241 22.63 16.21 24.23
C ILE B 241 22.63 17.60 23.63
N LYS B 242 21.45 18.22 23.48
CA LYS B 242 21.38 19.56 22.93
C LYS B 242 22.19 20.51 23.79
N GLN B 243 22.16 20.28 25.11
CA GLN B 243 22.89 21.10 26.05
C GLN B 243 24.40 20.84 25.99
N ARG B 244 24.78 19.66 25.53
CA ARG B 244 26.19 19.30 25.40
C ARG B 244 26.76 19.95 24.14
N PHE B 245 25.88 20.25 23.20
CA PHE B 245 26.25 20.92 21.95
C PHE B 245 25.48 22.23 21.92
N PRO B 246 25.93 23.22 22.70
CA PRO B 246 25.26 24.53 22.75
C PRO B 246 25.10 25.21 21.39
N GLY B 247 23.91 25.77 21.18
CA GLY B 247 23.64 26.48 19.95
C GLY B 247 23.56 25.72 18.64
N MET B 248 23.83 24.42 18.65
CA MET B 248 23.78 23.65 17.41
C MET B 248 22.40 23.00 17.26
N THR B 249 22.05 22.67 16.02
CA THR B 249 20.78 22.04 15.73
C THR B 249 21.04 20.60 15.31
N PRO B 250 20.08 19.71 15.59
CA PRO B 250 20.17 18.29 15.27
C PRO B 250 21.02 17.95 14.05
N ALA B 251 21.01 18.82 13.05
CA ALA B 251 21.77 18.57 11.84
C ALA B 251 23.26 18.75 12.01
N GLN B 252 23.66 19.85 12.66
CA GLN B 252 25.07 20.13 12.87
C GLN B 252 25.64 19.07 13.80
N ILE B 253 24.89 18.76 14.87
CA ILE B 253 25.31 17.75 15.83
C ILE B 253 25.58 16.44 15.10
N ARG B 254 24.52 15.85 14.56
CA ARG B 254 24.62 14.61 13.82
C ARG B 254 25.83 14.62 12.87
N ARG B 255 26.03 15.70 12.13
CA ARG B 255 27.15 15.75 11.22
C ARG B 255 28.46 15.75 11.99
N TYR B 256 28.48 16.43 13.12
CA TYR B 256 29.70 16.49 13.96
C TYR B 256 30.02 15.11 14.54
N ALA B 257 28.99 14.42 15.01
CA ALA B 257 29.08 13.10 15.61
C ALA B 257 29.59 12.07 14.63
N GLU B 258 29.48 12.37 13.34
CA GLU B 258 29.91 11.43 12.31
C GLU B 258 31.35 11.03 12.49
N ARG B 259 32.09 11.83 13.23
CA ARG B 259 33.51 11.54 13.47
C ARG B 259 33.68 10.31 14.38
N TRP B 260 32.58 9.84 14.97
CA TRP B 260 32.64 8.69 15.86
C TRP B 260 32.09 7.39 15.24
N LYS B 261 31.75 7.43 13.95
CA LYS B 261 31.28 6.22 13.29
C LYS B 261 32.48 5.30 13.40
N PRO B 262 32.27 3.99 13.57
CA PRO B 262 30.99 3.27 13.68
C PRO B 262 30.61 3.01 15.13
N TRP B 263 31.17 3.80 16.03
CA TRP B 263 30.86 3.60 17.42
C TRP B 263 30.15 4.81 18.00
N ARG B 264 29.15 5.33 17.27
CA ARG B 264 28.45 6.51 17.74
C ARG B 264 27.62 6.33 19.01
N SER B 265 27.09 5.12 19.22
CA SER B 265 26.30 4.85 20.41
C SER B 265 27.12 5.02 21.67
N TYR B 266 28.37 4.58 21.64
CA TYR B 266 29.21 4.72 22.81
C TYR B 266 29.52 6.18 23.05
N ALA B 267 29.95 6.88 22.00
CA ALA B 267 30.29 8.29 22.09
C ALA B 267 29.16 9.02 22.81
N LEU B 268 27.93 8.65 22.46
CA LEU B 268 26.75 9.26 23.05
C LEU B 268 26.71 9.10 24.56
N LEU B 269 26.92 7.87 25.03
CA LEU B 269 26.90 7.58 26.46
C LEU B 269 27.97 8.39 27.17
N HIS B 270 29.18 8.41 26.61
CA HIS B 270 30.25 9.18 27.22
C HIS B 270 29.82 10.64 27.37
N ILE B 271 29.40 11.25 26.27
CA ILE B 271 28.97 12.66 26.28
C ILE B 271 27.81 12.93 27.24
N TRP B 272 26.80 12.08 27.20
CA TRP B 272 25.65 12.21 28.08
C TRP B 272 26.13 12.37 29.52
N TYR B 273 27.05 11.51 29.92
CA TYR B 273 27.59 11.49 31.28
C TYR B 273 28.92 12.20 31.46
N THR B 274 28.94 13.46 31.11
CA THR B 274 30.16 14.26 31.24
C THR B 274 29.81 15.71 31.56
N GLU B 275 29.55 15.94 32.86
CA GLU B 275 29.17 17.25 33.41
C GLU B 275 29.12 18.37 32.40
N GLY B 276 30.30 18.86 32.01
CA GLY B 276 30.35 19.96 31.09
C GLY B 276 31.14 19.68 29.83
N TRP B 277 30.77 18.62 29.13
CA TRP B 277 31.46 18.31 27.91
C TRP B 277 31.07 19.40 26.93
N GLN B 278 31.95 19.66 25.97
CA GLN B 278 31.65 20.64 24.95
C GLN B 278 32.44 20.32 23.69
N PRO B 279 31.78 20.44 22.53
CA PRO B 279 32.43 20.16 21.26
C PRO B 279 33.66 21.03 21.08
N ASP B 280 34.39 20.85 19.99
CA ASP B 280 35.59 21.63 19.77
C ASP B 280 35.37 23.00 19.16
N GLU B 281 36.08 23.98 19.70
CA GLU B 281 36.00 25.38 19.28
C GLU B 281 35.62 25.60 17.81
N ALA B 282 34.53 26.34 17.64
CA ALA B 282 34.00 26.67 16.31
C ALA B 282 32.67 27.39 16.51
N MET C 1 34.31 -26.22 26.23
CA MET C 1 32.91 -26.75 26.25
C MET C 1 31.95 -26.02 27.22
N TYR C 2 30.66 -26.09 26.88
CA TYR C 2 29.58 -25.49 27.67
C TYR C 2 28.55 -26.60 27.82
N THR C 3 27.75 -26.54 28.88
CA THR C 3 26.75 -27.57 29.05
C THR C 3 25.34 -27.04 29.21
N LEU C 4 24.41 -27.71 28.55
CA LEU C 4 23.00 -27.40 28.60
C LEU C 4 22.34 -28.77 28.69
N ASN C 5 21.48 -28.96 29.69
CA ASN C 5 20.83 -30.26 29.84
C ASN C 5 19.40 -30.28 29.28
N TRP C 6 18.80 -31.47 29.23
CA TRP C 6 17.44 -31.65 28.73
C TRP C 6 16.71 -32.68 29.58
N GLN C 7 15.39 -32.76 29.40
CA GLN C 7 14.53 -33.67 30.16
C GLN C 7 14.20 -34.91 29.32
N PRO C 8 14.62 -36.10 29.79
CA PRO C 8 14.37 -37.35 29.07
C PRO C 8 12.89 -37.70 28.91
N PRO C 9 12.56 -38.44 27.83
CA PRO C 9 13.50 -38.92 26.82
C PRO C 9 13.82 -37.88 25.77
N TYR C 10 14.80 -38.20 24.91
CA TYR C 10 15.21 -37.32 23.81
C TYR C 10 15.81 -38.20 22.72
N ASP C 11 15.03 -38.41 21.65
CA ASP C 11 15.50 -39.24 20.54
C ASP C 11 16.55 -38.51 19.70
N TRP C 12 17.81 -38.53 20.16
CA TRP C 12 18.87 -37.86 19.42
C TRP C 12 19.14 -38.50 18.06
N SER C 13 19.14 -39.83 18.02
CA SER C 13 19.38 -40.53 16.76
C SER C 13 18.35 -40.08 15.74
N TRP C 14 17.19 -39.62 16.18
CA TRP C 14 16.14 -39.14 15.26
C TRP C 14 16.39 -37.67 14.90
N MET C 15 16.60 -36.86 15.94
CA MET C 15 16.88 -35.46 15.77
C MET C 15 18.02 -35.30 14.78
N LEU C 16 19.13 -35.99 15.05
CA LEU C 16 20.31 -35.91 14.19
C LEU C 16 20.05 -36.46 12.81
N GLY C 17 19.17 -37.45 12.73
CA GLY C 17 18.88 -38.01 11.44
C GLY C 17 18.17 -36.99 10.58
N PHE C 18 17.34 -36.20 11.27
CA PHE C 18 16.52 -35.14 10.68
C PHE C 18 17.38 -34.05 10.10
N LEU C 19 18.21 -33.47 10.95
CA LEU C 19 19.06 -32.40 10.47
C LEU C 19 19.97 -32.93 9.36
N ALA C 20 20.36 -34.19 9.47
CA ALA C 20 21.25 -34.78 8.48
C ALA C 20 20.61 -34.71 7.11
N ALA C 21 19.33 -35.08 7.04
CA ALA C 21 18.61 -35.08 5.79
C ALA C 21 18.58 -33.72 5.13
N ARG C 22 18.39 -32.68 5.94
CA ARG C 22 18.30 -31.32 5.45
C ARG C 22 19.60 -30.58 5.58
N ALA C 23 20.67 -31.35 5.84
CA ALA C 23 21.99 -30.77 5.98
C ALA C 23 22.35 -29.96 4.71
N VAL C 24 23.10 -28.89 4.91
CA VAL C 24 23.50 -28.03 3.80
C VAL C 24 24.99 -28.07 3.59
N SER C 25 25.43 -28.73 2.53
CA SER C 25 26.86 -28.83 2.22
C SER C 25 27.64 -27.55 2.47
N SER C 26 28.70 -27.66 3.28
CA SER C 26 29.57 -26.54 3.63
C SER C 26 29.08 -25.63 4.76
N VAL C 27 27.84 -25.79 5.19
CA VAL C 27 27.34 -24.98 6.29
C VAL C 27 27.19 -25.87 7.52
N GLU C 28 26.92 -27.15 7.30
CA GLU C 28 26.77 -28.06 8.43
C GLU C 28 27.30 -29.47 8.16
N THR C 29 27.75 -30.10 9.24
CA THR C 29 28.25 -31.46 9.20
C THR C 29 27.47 -32.18 10.29
N VAL C 30 26.96 -33.36 9.99
CA VAL C 30 26.20 -34.09 10.99
C VAL C 30 26.53 -35.58 11.01
N ALA C 31 27.01 -36.07 12.15
CA ALA C 31 27.32 -37.49 12.28
C ALA C 31 26.39 -38.07 13.34
N ASP C 32 26.42 -39.39 13.51
CA ASP C 32 25.54 -40.01 14.50
C ASP C 32 25.84 -39.57 15.91
N SER C 33 27.03 -39.00 16.12
CA SER C 33 27.45 -38.57 17.45
C SER C 33 27.39 -37.08 17.76
N TYR C 34 27.31 -36.24 16.73
CA TYR C 34 27.30 -34.81 16.96
C TYR C 34 26.77 -33.99 15.81
N TYR C 35 26.53 -32.72 16.12
CA TYR C 35 26.05 -31.72 15.15
C TYR C 35 27.11 -30.62 15.14
N ALA C 36 27.32 -30.00 14.00
CA ALA C 36 28.29 -28.92 13.89
C ALA C 36 27.96 -28.12 12.68
N ARG C 37 28.14 -26.80 12.77
CA ARG C 37 27.86 -25.91 11.65
C ARG C 37 28.56 -24.58 11.84
N SER C 38 28.46 -23.73 10.84
CA SER C 38 29.03 -22.38 10.88
C SER C 38 27.94 -21.56 11.53
N LEU C 39 28.32 -20.55 12.28
CA LEU C 39 27.32 -19.74 12.95
C LEU C 39 27.78 -18.32 13.02
N ALA C 40 26.87 -17.41 12.72
CA ALA C 40 27.20 -16.00 12.76
C ALA C 40 26.18 -15.29 13.61
N VAL C 41 26.65 -14.22 14.24
CA VAL C 41 25.83 -13.40 15.11
C VAL C 41 26.43 -12.02 14.94
N GLY C 42 26.11 -11.39 13.80
CA GLY C 42 26.63 -10.08 13.49
C GLY C 42 28.02 -10.23 12.92
N GLU C 43 28.97 -9.44 13.42
CA GLU C 43 30.35 -9.51 12.94
C GLU C 43 31.14 -10.55 13.73
N TYR C 44 30.43 -11.50 14.32
CA TYR C 44 31.04 -12.56 15.10
C TYR C 44 30.75 -13.84 14.36
N ARG C 45 31.79 -14.58 14.04
CA ARG C 45 31.59 -15.80 13.29
C ARG C 45 32.45 -16.94 13.82
N GLY C 46 32.02 -18.17 13.53
CA GLY C 46 32.80 -19.31 13.99
C GLY C 46 32.05 -20.60 13.80
N VAL C 47 32.56 -21.68 14.38
CA VAL C 47 31.89 -22.96 14.24
C VAL C 47 31.35 -23.44 15.57
N VAL C 48 30.09 -23.87 15.56
CA VAL C 48 29.44 -24.36 16.77
C VAL C 48 29.43 -25.86 16.68
N THR C 49 29.87 -26.50 17.76
CA THR C 49 29.90 -27.95 17.83
C THR C 49 29.05 -28.40 18.99
N ALA C 50 28.04 -29.21 18.70
CA ALA C 50 27.14 -29.70 19.74
C ALA C 50 27.28 -31.20 19.87
N ILE C 51 27.55 -31.66 21.08
CA ILE C 51 27.71 -33.09 21.33
C ILE C 51 26.82 -33.53 22.48
N PRO C 52 25.79 -34.32 22.16
CA PRO C 52 24.87 -34.80 23.20
C PRO C 52 25.50 -35.87 24.09
N ASP C 53 25.23 -35.76 25.38
CA ASP C 53 25.72 -36.70 26.38
C ASP C 53 24.51 -37.45 26.94
N ILE C 54 23.93 -38.33 26.13
CA ILE C 54 22.75 -39.09 26.55
C ILE C 54 22.93 -39.68 27.94
N ALA C 55 24.16 -40.08 28.25
CA ALA C 55 24.47 -40.65 29.56
C ALA C 55 23.96 -39.79 30.71
N ARG C 56 24.43 -38.54 30.78
CA ARG C 56 23.98 -37.69 31.88
C ARG C 56 23.02 -36.54 31.53
N HIS C 57 22.16 -36.74 30.53
CA HIS C 57 21.17 -35.73 30.16
C HIS C 57 21.75 -34.34 30.04
N THR C 58 22.66 -34.16 29.09
CA THR C 58 23.27 -32.87 28.89
C THR C 58 23.83 -32.79 27.47
N LEU C 59 23.77 -31.60 26.89
CA LEU C 59 24.28 -31.37 25.55
C LEU C 59 25.50 -30.46 25.65
N HIS C 60 26.63 -30.92 25.12
CA HIS C 60 27.84 -30.13 25.17
C HIS C 60 27.97 -29.28 23.92
N ILE C 61 28.17 -27.98 24.14
CA ILE C 61 28.26 -27.02 23.06
C ILE C 61 29.62 -26.33 23.00
N ASN C 62 30.50 -26.73 22.09
CA ASN C 62 31.79 -26.05 21.97
C ASN C 62 31.67 -24.86 21.01
N LEU C 63 32.44 -23.81 21.26
CA LEU C 63 32.38 -22.65 20.39
C LEU C 63 33.72 -22.12 19.85
N SER C 64 33.77 -21.92 18.54
CA SER C 64 34.95 -21.37 17.89
C SER C 64 35.24 -20.00 18.55
N ALA C 65 36.51 -19.65 18.66
CA ALA C 65 36.91 -18.39 19.28
C ALA C 65 36.29 -17.11 18.75
N GLY C 66 35.87 -17.10 17.49
CA GLY C 66 35.28 -15.90 16.94
C GLY C 66 33.89 -15.61 17.49
N LEU C 67 33.25 -16.65 18.03
CA LEU C 67 31.90 -16.56 18.59
C LEU C 67 31.88 -16.41 20.11
N GLU C 68 33.05 -16.55 20.72
CA GLU C 68 33.18 -16.46 22.17
C GLU C 68 32.58 -15.22 22.86
N PRO C 69 32.60 -14.04 22.19
CA PRO C 69 32.05 -12.80 22.74
C PRO C 69 30.53 -12.80 22.77
N VAL C 70 29.95 -13.77 22.07
CA VAL C 70 28.51 -13.91 21.99
C VAL C 70 28.06 -15.35 22.29
N ALA C 71 28.68 -15.95 23.31
CA ALA C 71 28.37 -17.31 23.73
C ALA C 71 26.91 -17.51 24.09
N ALA C 72 26.39 -16.60 24.93
CA ALA C 72 25.01 -16.66 25.36
C ALA C 72 24.06 -16.81 24.16
N GLU C 73 24.14 -15.88 23.22
CA GLU C 73 23.28 -15.95 22.04
C GLU C 73 23.53 -17.21 21.25
N CYS C 74 24.73 -17.77 21.36
CA CYS C 74 25.05 -18.98 20.65
C CYS C 74 24.39 -20.17 21.30
N LEU C 75 24.33 -20.14 22.62
CA LEU C 75 23.71 -21.24 23.36
C LEU C 75 22.19 -21.17 23.14
N ALA C 76 21.64 -19.96 23.14
CA ALA C 76 20.19 -19.78 22.93
C ALA C 76 19.83 -20.27 21.56
N LYS C 77 20.74 -20.12 20.61
CA LYS C 77 20.49 -20.59 19.25
C LYS C 77 20.44 -22.11 19.30
N MET C 78 21.38 -22.71 20.02
CA MET C 78 21.41 -24.15 20.14
C MET C 78 20.21 -24.67 20.94
N SER C 79 19.86 -23.99 22.03
CA SER C 79 18.73 -24.45 22.82
C SER C 79 17.46 -24.42 21.96
N ARG C 80 17.29 -23.40 21.12
CA ARG C 80 16.10 -23.29 20.25
C ARG C 80 16.16 -24.29 19.12
N LEU C 81 17.37 -24.62 18.70
CA LEU C 81 17.53 -25.58 17.63
C LEU C 81 17.13 -26.97 18.11
N PHE C 82 17.58 -27.35 19.31
CA PHE C 82 17.28 -28.67 19.85
C PHE C 82 16.10 -28.81 20.80
N ASP C 83 15.27 -27.78 20.89
CA ASP C 83 14.09 -27.82 21.75
C ASP C 83 14.40 -28.50 23.09
N LEU C 84 15.39 -27.96 23.80
CA LEU C 84 15.79 -28.50 25.09
C LEU C 84 14.84 -28.02 26.20
N GLN C 85 14.05 -26.99 25.90
CA GLN C 85 13.11 -26.44 26.85
C GLN C 85 11.94 -27.39 27.08
N CYS C 86 11.74 -28.28 26.12
CA CYS C 86 10.65 -29.25 26.14
C CYS C 86 10.56 -30.17 27.35
N ASN C 87 9.33 -30.61 27.62
CA ASN C 87 9.01 -31.52 28.70
C ASN C 87 8.15 -32.64 28.13
N PRO C 88 8.78 -33.74 27.71
CA PRO C 88 8.01 -34.86 27.14
C PRO C 88 6.85 -35.38 28.02
N GLN C 89 6.92 -35.13 29.32
CA GLN C 89 5.87 -35.58 30.23
C GLN C 89 4.57 -34.83 29.92
N ILE C 90 4.70 -33.54 29.66
CA ILE C 90 3.55 -32.70 29.35
C ILE C 90 3.01 -32.95 27.94
N VAL C 91 3.87 -32.87 26.94
CA VAL C 91 3.43 -33.11 25.57
C VAL C 91 2.95 -34.56 25.42
N ASN C 92 3.85 -35.53 25.57
CA ASN C 92 3.47 -36.93 25.43
C ASN C 92 2.28 -37.26 26.32
N GLY C 93 2.16 -36.55 27.43
CA GLY C 93 1.06 -36.78 28.34
C GLY C 93 -0.07 -35.83 27.99
N ALA C 94 -0.39 -35.77 26.71
CA ALA C 94 -1.44 -34.88 26.21
C ALA C 94 -1.68 -35.23 24.74
N LEU C 95 -0.94 -36.23 24.27
CA LEU C 95 -1.05 -36.72 22.91
C LEU C 95 -1.45 -38.19 23.03
N GLY C 96 -1.24 -38.74 24.22
CA GLY C 96 -1.58 -40.13 24.47
C GLY C 96 -0.88 -41.08 23.52
N ARG C 97 -1.62 -42.07 23.04
CA ARG C 97 -1.07 -43.06 22.12
C ARG C 97 -0.26 -42.46 20.97
N LEU C 98 -0.73 -41.32 20.46
CA LEU C 98 -0.06 -40.65 19.35
C LEU C 98 1.41 -40.48 19.65
N GLY C 99 1.71 -40.10 20.89
CA GLY C 99 3.09 -39.95 21.31
C GLY C 99 3.38 -40.98 22.39
N ALA C 100 3.73 -42.19 21.97
CA ALA C 100 4.01 -43.27 22.91
C ALA C 100 5.11 -44.15 22.39
N ALA C 101 5.24 -44.20 21.07
CA ALA C 101 6.29 -45.01 20.47
C ALA C 101 7.57 -44.20 20.46
N ARG C 102 7.44 -42.88 20.35
CA ARG C 102 8.61 -42.01 20.31
C ARG C 102 8.44 -40.77 21.17
N PRO C 103 8.47 -40.93 22.50
CA PRO C 103 8.31 -39.77 23.37
C PRO C 103 9.52 -38.83 23.30
N GLY C 104 10.67 -39.40 22.96
CA GLY C 104 11.87 -38.59 22.86
C GLY C 104 11.83 -37.70 21.63
N LEU C 105 10.62 -37.47 21.15
CA LEU C 105 10.38 -36.65 19.96
C LEU C 105 10.44 -35.17 20.38
N ARG C 106 11.22 -34.40 19.62
CA ARG C 106 11.41 -32.97 19.85
C ARG C 106 11.12 -32.19 18.59
N LEU C 107 10.77 -30.91 18.74
CA LEU C 107 10.47 -30.05 17.59
C LEU C 107 11.73 -29.38 17.08
N PRO C 108 12.21 -29.80 15.88
CA PRO C 108 13.42 -29.27 15.24
C PRO C 108 13.28 -27.79 14.86
N GLY C 109 14.00 -26.93 15.56
CA GLY C 109 13.95 -25.51 15.27
C GLY C 109 14.98 -25.09 14.24
N CYS C 110 15.65 -23.99 14.55
CA CYS C 110 16.64 -23.45 13.65
C CYS C 110 17.70 -22.72 14.45
N VAL C 111 18.61 -22.07 13.75
CA VAL C 111 19.67 -21.34 14.39
C VAL C 111 19.53 -19.86 14.07
N ASP C 112 18.82 -19.56 12.98
CA ASP C 112 18.58 -18.19 12.53
C ASP C 112 17.21 -18.09 11.86
N ALA C 113 16.34 -17.23 12.36
CA ALA C 113 15.00 -17.12 11.80
C ALA C 113 15.00 -16.85 10.30
N PHE C 114 15.83 -15.91 9.86
CA PHE C 114 15.90 -15.56 8.43
C PHE C 114 16.34 -16.75 7.60
N GLU C 115 17.37 -17.46 8.09
CA GLU C 115 17.87 -18.64 7.39
C GLU C 115 16.72 -19.63 7.22
N GLN C 116 16.03 -19.93 8.31
CA GLN C 116 14.91 -20.85 8.24
C GLN C 116 13.92 -20.30 7.22
N GLY C 117 13.80 -18.98 7.17
CA GLY C 117 12.91 -18.32 6.23
C GLY C 117 13.33 -18.66 4.83
N VAL C 118 14.63 -18.49 4.56
CA VAL C 118 15.19 -18.80 3.25
C VAL C 118 15.09 -20.30 2.94
N ARG C 119 15.19 -21.14 3.97
CA ARG C 119 15.10 -22.59 3.81
C ARG C 119 13.68 -23.02 3.43
N ALA C 120 12.71 -22.54 4.20
CA ALA C 120 11.30 -22.85 3.98
C ALA C 120 10.90 -22.57 2.54
N ILE C 121 11.21 -21.37 2.06
CA ILE C 121 10.89 -20.98 0.70
C ILE C 121 11.50 -21.96 -0.30
N LEU C 122 12.77 -22.30 -0.09
CA LEU C 122 13.45 -23.23 -1.00
C LEU C 122 12.97 -24.67 -0.88
N GLY C 123 12.46 -25.03 0.29
CA GLY C 123 11.97 -26.39 0.45
C GLY C 123 10.71 -26.58 -0.36
N GLN C 124 10.15 -25.47 -0.84
CA GLN C 124 8.92 -25.50 -1.62
C GLN C 124 8.90 -26.44 -2.82
N LEU C 125 7.98 -27.40 -2.78
CA LEU C 125 7.80 -28.33 -3.89
C LEU C 125 8.86 -29.40 -4.05
N VAL C 126 10.10 -29.01 -4.34
CA VAL C 126 11.19 -29.98 -4.51
C VAL C 126 11.32 -30.89 -3.30
N SER C 127 12.05 -31.98 -3.47
CA SER C 127 12.26 -32.93 -2.38
C SER C 127 13.28 -32.37 -1.42
N VAL C 128 13.51 -33.08 -0.33
CA VAL C 128 14.48 -32.65 0.66
C VAL C 128 15.92 -32.57 0.12
N ALA C 129 16.33 -33.60 -0.60
CA ALA C 129 17.67 -33.65 -1.15
C ALA C 129 17.94 -32.46 -2.06
N MET C 130 17.01 -32.20 -2.97
CA MET C 130 17.14 -31.09 -3.91
C MET C 130 17.12 -29.74 -3.18
N ALA C 131 16.21 -29.60 -2.23
CA ALA C 131 16.10 -28.39 -1.44
C ALA C 131 17.45 -28.11 -0.78
N ALA C 132 18.01 -29.14 -0.15
CA ALA C 132 19.30 -28.98 0.52
C ALA C 132 20.38 -28.67 -0.50
N LYS C 133 20.33 -29.37 -1.63
CA LYS C 133 21.30 -29.17 -2.69
C LYS C 133 21.16 -27.74 -3.17
N LEU C 134 19.91 -27.33 -3.36
CA LEU C 134 19.62 -25.98 -3.81
C LEU C 134 20.13 -24.90 -2.86
N THR C 135 19.77 -25.04 -1.58
CA THR C 135 20.22 -24.06 -0.60
C THR C 135 21.75 -23.99 -0.54
N ALA C 136 22.40 -25.13 -0.74
CA ALA C 136 23.86 -25.17 -0.73
C ALA C 136 24.37 -24.24 -1.83
N ARG C 137 23.68 -24.22 -2.95
CA ARG C 137 24.07 -23.38 -4.07
C ARG C 137 23.99 -21.92 -3.66
N VAL C 138 22.83 -21.51 -3.17
CA VAL C 138 22.65 -20.13 -2.74
C VAL C 138 23.76 -19.72 -1.77
N ALA C 139 24.10 -20.58 -0.82
CA ALA C 139 25.16 -20.29 0.16
C ALA C 139 26.51 -20.08 -0.50
N GLN C 140 26.83 -20.99 -1.42
CA GLN C 140 28.08 -20.95 -2.13
C GLN C 140 28.25 -19.64 -2.85
N LEU C 141 27.18 -19.16 -3.47
CA LEU C 141 27.27 -17.89 -4.21
C LEU C 141 27.33 -16.65 -3.32
N TYR C 142 26.52 -16.64 -2.26
CA TYR C 142 26.46 -15.47 -1.38
C TYR C 142 27.01 -15.56 0.06
N GLY C 143 27.36 -16.75 0.53
CA GLY C 143 27.86 -16.86 1.90
C GLY C 143 29.28 -16.41 2.18
N GLU C 144 29.56 -16.01 3.41
CA GLU C 144 30.90 -15.57 3.82
C GLU C 144 31.69 -16.81 4.21
N ARG C 145 32.97 -16.86 3.88
CA ARG C 145 33.79 -18.04 4.24
C ARG C 145 34.55 -17.70 5.51
N LEU C 146 34.89 -18.72 6.29
CA LEU C 146 35.63 -18.48 7.54
C LEU C 146 37.15 -18.64 7.38
N ASP C 147 37.90 -17.73 7.99
CA ASP C 147 39.36 -17.75 7.92
C ASP C 147 39.98 -18.88 8.72
N ASP C 148 39.34 -19.22 9.84
CA ASP C 148 39.81 -20.29 10.70
C ASP C 148 39.25 -21.63 10.22
N PHE C 149 38.19 -21.58 9.40
CA PHE C 149 37.56 -22.79 8.90
C PHE C 149 37.22 -22.76 7.42
N PRO C 150 38.24 -22.91 6.57
CA PRO C 150 38.06 -22.91 5.13
C PRO C 150 36.98 -23.87 4.63
N GLU C 151 36.79 -24.98 5.32
CA GLU C 151 35.79 -25.95 4.91
C GLU C 151 34.36 -25.44 5.07
N TYR C 152 34.18 -24.51 6.00
CA TYR C 152 32.87 -23.95 6.29
C TYR C 152 32.58 -22.61 5.63
N ILE C 153 31.30 -22.29 5.58
CA ILE C 153 30.84 -21.05 5.00
C ILE C 153 29.53 -20.71 5.73
N CYS C 154 29.35 -19.43 6.08
CA CYS C 154 28.16 -18.96 6.78
C CYS C 154 27.02 -18.80 5.82
N PHE C 155 25.82 -19.07 6.30
CA PHE C 155 24.64 -18.93 5.47
C PHE C 155 24.60 -17.47 5.01
N PRO C 156 24.11 -17.23 3.79
CA PRO C 156 24.08 -15.84 3.35
C PRO C 156 23.24 -14.96 4.26
N THR C 157 23.62 -13.69 4.35
CA THR C 157 22.88 -12.77 5.19
C THR C 157 21.89 -11.94 4.38
N PRO C 158 21.02 -11.18 5.08
CA PRO C 158 20.03 -10.35 4.42
C PRO C 158 20.64 -9.26 3.56
N GLN C 159 21.68 -8.60 4.05
CA GLN C 159 22.27 -7.56 3.23
C GLN C 159 22.76 -8.11 1.88
N ARG C 160 23.13 -9.39 1.85
CA ARG C 160 23.62 -9.99 0.60
C ARG C 160 22.50 -10.52 -0.28
N LEU C 161 21.50 -11.17 0.31
CA LEU C 161 20.41 -11.67 -0.52
C LEU C 161 19.48 -10.55 -1.00
N ALA C 162 19.41 -9.46 -0.26
CA ALA C 162 18.57 -8.35 -0.63
C ALA C 162 19.16 -7.64 -1.85
N ALA C 163 20.47 -7.75 -2.00
CA ALA C 163 21.19 -7.13 -3.11
C ALA C 163 21.51 -8.13 -4.22
N ALA C 164 20.95 -9.34 -4.10
CA ALA C 164 21.20 -10.35 -5.10
C ALA C 164 20.49 -9.96 -6.38
N ASP C 165 20.97 -10.51 -7.50
CA ASP C 165 20.35 -10.25 -8.78
C ASP C 165 19.34 -11.37 -9.00
N PRO C 166 18.06 -11.01 -9.15
CA PRO C 166 17.04 -12.04 -9.38
C PRO C 166 17.54 -13.06 -10.36
N GLN C 167 18.06 -12.60 -11.48
CA GLN C 167 18.52 -13.52 -12.50
C GLN C 167 19.61 -14.47 -12.05
N ALA C 168 20.46 -14.05 -11.13
CA ALA C 168 21.54 -14.91 -10.64
C ALA C 168 20.98 -16.02 -9.78
N LEU C 169 20.02 -15.68 -8.93
CA LEU C 169 19.39 -16.67 -8.08
C LEU C 169 18.61 -17.59 -9.01
N LYS C 170 18.01 -17.01 -10.04
CA LYS C 170 17.22 -17.77 -11.01
C LYS C 170 18.11 -18.86 -11.61
N ALA C 171 19.26 -18.42 -12.08
CA ALA C 171 20.24 -19.29 -12.70
C ALA C 171 20.55 -20.53 -11.85
N LEU C 172 20.62 -20.36 -10.54
CA LEU C 172 20.92 -21.50 -9.67
C LEU C 172 19.91 -22.64 -9.75
N GLY C 173 18.85 -22.45 -10.55
CA GLY C 173 17.85 -23.50 -10.69
C GLY C 173 16.58 -23.30 -9.90
N MET C 174 16.01 -22.11 -9.99
CA MET C 174 14.76 -21.80 -9.29
C MET C 174 13.94 -20.81 -10.08
N PRO C 175 12.61 -20.91 -9.97
CA PRO C 175 11.66 -20.02 -10.66
C PRO C 175 11.99 -18.57 -10.31
N LEU C 176 11.93 -17.67 -11.29
CA LEU C 176 12.23 -16.27 -11.04
C LEU C 176 11.36 -15.77 -9.87
N LYS C 177 10.11 -16.24 -9.84
CA LYS C 177 9.17 -15.86 -8.78
C LYS C 177 9.74 -16.26 -7.42
N ARG C 178 10.45 -17.40 -7.40
CA ARG C 178 11.07 -17.92 -6.19
C ARG C 178 12.25 -17.07 -5.74
N ALA C 179 13.11 -16.70 -6.66
CA ALA C 179 14.25 -15.88 -6.32
C ALA C 179 13.74 -14.54 -5.82
N GLU C 180 12.72 -14.00 -6.50
CA GLU C 180 12.16 -12.73 -6.08
C GLU C 180 11.60 -12.83 -4.67
N ALA C 181 11.29 -14.06 -4.25
CA ALA C 181 10.75 -14.34 -2.91
C ALA C 181 11.85 -14.24 -1.87
N LEU C 182 13.03 -14.76 -2.21
CA LEU C 182 14.14 -14.71 -1.27
C LEU C 182 14.56 -13.25 -1.15
N ILE C 183 14.67 -12.57 -2.29
CA ILE C 183 15.07 -11.18 -2.24
C ILE C 183 14.09 -10.31 -1.44
N HIS C 184 12.79 -10.61 -1.54
CA HIS C 184 11.80 -9.84 -0.81
C HIS C 184 11.91 -10.09 0.70
N LEU C 185 12.14 -11.36 1.05
CA LEU C 185 12.30 -11.79 2.44
C LEU C 185 13.55 -11.09 2.99
N ALA C 186 14.62 -11.10 2.20
CA ALA C 186 15.86 -10.46 2.59
C ALA C 186 15.59 -9.01 2.94
N ASN C 187 14.78 -8.34 2.12
CA ASN C 187 14.46 -6.94 2.38
C ASN C 187 13.67 -6.79 3.66
N ALA C 188 12.80 -7.77 3.94
CA ALA C 188 12.01 -7.76 5.16
C ALA C 188 12.98 -7.86 6.32
N ALA C 189 13.90 -8.82 6.26
CA ALA C 189 14.86 -8.95 7.34
C ALA C 189 15.63 -7.65 7.58
N LEU C 190 15.88 -6.89 6.52
CA LEU C 190 16.62 -5.65 6.69
C LEU C 190 15.78 -4.54 7.35
N GLU C 191 14.48 -4.56 7.08
CA GLU C 191 13.56 -3.57 7.62
C GLU C 191 13.03 -3.94 9.01
N GLY C 192 13.23 -5.20 9.40
CA GLY C 192 12.76 -5.68 10.70
C GLY C 192 11.33 -6.21 10.62
N THR C 193 10.86 -6.42 9.39
CA THR C 193 9.52 -6.90 9.06
C THR C 193 9.31 -8.40 9.30
N LEU C 194 10.39 -9.17 9.20
CA LEU C 194 10.34 -10.62 9.40
C LEU C 194 10.50 -10.92 10.88
N PRO C 195 9.44 -11.45 11.53
CA PRO C 195 9.52 -11.78 12.96
C PRO C 195 10.62 -12.80 13.22
N MET C 196 11.67 -12.40 13.91
CA MET C 196 12.78 -13.29 14.17
C MET C 196 12.56 -14.10 15.44
N THR C 197 11.47 -13.80 16.12
CA THR C 197 11.16 -14.50 17.35
C THR C 197 9.66 -14.68 17.50
N ILE C 198 9.24 -15.91 17.80
CA ILE C 198 7.84 -16.28 18.01
C ILE C 198 7.08 -15.04 18.52
N PRO C 199 6.21 -14.46 17.68
CA PRO C 199 5.43 -13.26 18.02
C PRO C 199 4.16 -13.54 18.82
N GLY C 200 3.73 -12.53 19.58
CA GLY C 200 2.55 -12.67 20.41
C GLY C 200 1.42 -13.50 19.82
N ASP C 201 0.90 -13.06 18.68
CA ASP C 201 -0.22 -13.71 18.00
C ASP C 201 0.18 -14.57 16.78
N VAL C 202 0.73 -15.75 17.04
CA VAL C 202 1.15 -16.62 15.94
C VAL C 202 0.19 -16.63 14.75
N GLU C 203 -1.09 -16.81 15.02
CA GLU C 203 -2.09 -16.83 13.95
C GLU C 203 -1.93 -15.57 13.08
N GLN C 204 -2.13 -14.41 13.71
CA GLN C 204 -2.02 -13.12 13.04
C GLN C 204 -0.75 -13.03 12.24
N ALA C 205 0.37 -13.31 12.89
CA ALA C 205 1.66 -13.23 12.23
C ALA C 205 1.65 -13.97 10.90
N MET C 206 1.36 -15.26 10.93
CA MET C 206 1.36 -16.04 9.70
C MET C 206 0.55 -15.40 8.58
N LYS C 207 -0.52 -14.72 8.97
CA LYS C 207 -1.43 -14.06 8.01
C LYS C 207 -0.72 -12.90 7.32
N THR C 208 0.15 -12.24 8.07
CA THR C 208 0.95 -11.12 7.58
C THR C 208 2.17 -11.60 6.77
N LEU C 209 2.55 -12.85 6.99
CA LEU C 209 3.67 -13.40 6.27
C LEU C 209 3.23 -13.78 4.88
N GLN C 210 2.02 -14.31 4.79
CA GLN C 210 1.46 -14.73 3.50
C GLN C 210 1.33 -13.59 2.52
N THR C 211 1.36 -12.36 3.02
CA THR C 211 1.25 -11.18 2.16
C THR C 211 2.59 -11.00 1.45
N PHE C 212 3.64 -11.58 2.02
CA PHE C 212 4.97 -11.52 1.41
C PHE C 212 4.87 -12.35 0.14
N PRO C 213 5.26 -11.78 -1.01
CA PRO C 213 5.18 -12.55 -2.25
C PRO C 213 6.09 -13.76 -2.11
N GLY C 214 5.61 -14.89 -2.61
CA GLY C 214 6.36 -16.13 -2.52
C GLY C 214 5.92 -16.97 -1.35
N ILE C 215 5.40 -16.31 -0.31
CA ILE C 215 4.96 -17.03 0.87
C ILE C 215 3.47 -17.36 0.90
N GLY C 216 3.16 -18.65 0.82
CA GLY C 216 1.80 -19.12 0.85
C GLY C 216 1.42 -19.52 2.26
N ARG C 217 0.50 -20.46 2.42
CA ARG C 217 0.08 -20.89 3.75
C ARG C 217 0.95 -22.01 4.28
N TRP C 218 1.45 -22.85 3.39
CA TRP C 218 2.32 -23.94 3.81
C TRP C 218 3.63 -23.32 4.29
N THR C 219 4.17 -22.40 3.50
CA THR C 219 5.42 -21.74 3.84
C THR C 219 5.29 -20.92 5.11
N ALA C 220 4.16 -20.26 5.30
CA ALA C 220 3.96 -19.45 6.49
C ALA C 220 3.75 -20.31 7.72
N ASN C 221 3.54 -21.61 7.50
CA ASN C 221 3.33 -22.55 8.61
C ASN C 221 4.64 -23.20 8.98
N TYR C 222 5.29 -23.83 8.01
CA TYR C 222 6.56 -24.49 8.24
C TYR C 222 7.58 -23.48 8.73
N PHE C 223 7.35 -22.21 8.43
CA PHE C 223 8.29 -21.21 8.90
C PHE C 223 7.96 -20.97 10.36
N ALA C 224 6.68 -21.02 10.71
CA ALA C 224 6.26 -20.80 12.10
C ALA C 224 6.74 -21.93 13.00
N LEU C 225 6.57 -23.16 12.52
CA LEU C 225 6.99 -24.35 13.26
C LEU C 225 8.50 -24.31 13.46
N ARG C 226 9.26 -24.37 12.39
CA ARG C 226 10.73 -24.34 12.48
C ARG C 226 11.33 -22.99 12.88
N GLY C 227 10.81 -21.91 12.29
CA GLY C 227 11.32 -20.57 12.56
C GLY C 227 11.04 -19.93 13.91
N TRP C 228 9.89 -20.22 14.52
CA TRP C 228 9.59 -19.64 15.82
C TRP C 228 9.38 -20.74 16.84
N GLN C 229 9.52 -21.98 16.39
CA GLN C 229 9.33 -23.15 17.23
C GLN C 229 7.98 -23.04 17.93
N ALA C 230 7.00 -22.49 17.21
CA ALA C 230 5.66 -22.33 17.73
C ALA C 230 5.11 -23.75 17.85
N LYS C 231 4.69 -24.09 19.07
CA LYS C 231 4.21 -25.43 19.40
C LYS C 231 2.76 -25.82 19.07
N ASP C 232 1.97 -24.90 18.54
CA ASP C 232 0.59 -25.26 18.26
C ASP C 232 0.12 -24.98 16.84
N VAL C 233 0.71 -25.61 15.85
CA VAL C 233 0.25 -25.37 14.49
C VAL C 233 0.18 -26.66 13.71
N PHE C 234 -0.90 -26.87 12.98
CA PHE C 234 -1.02 -28.09 12.18
C PHE C 234 -0.81 -27.74 10.71
N LEU C 235 -0.61 -28.76 9.88
CA LEU C 235 -0.35 -28.55 8.46
C LEU C 235 -1.17 -29.41 7.48
N PRO C 236 -2.50 -29.33 7.52
CA PRO C 236 -3.24 -30.16 6.57
C PRO C 236 -2.85 -29.94 5.09
N ASP C 237 -2.14 -28.84 4.83
CA ASP C 237 -1.69 -28.49 3.48
C ASP C 237 -0.47 -29.33 3.10
N ASP C 238 0.09 -29.98 4.10
CA ASP C 238 1.28 -30.82 3.91
C ASP C 238 0.91 -32.08 3.15
N TYR C 239 1.82 -32.52 2.30
CA TYR C 239 1.63 -33.73 1.49
C TYR C 239 1.48 -34.98 2.36
N LEU C 240 2.53 -35.31 3.10
CA LEU C 240 2.52 -36.48 3.97
C LEU C 240 1.30 -36.42 4.90
N ILE C 241 0.98 -35.23 5.40
CA ILE C 241 -0.18 -35.07 6.28
C ILE C 241 -1.46 -35.30 5.49
N LYS C 242 -1.52 -34.75 4.28
CA LYS C 242 -2.69 -34.90 3.41
C LYS C 242 -3.09 -36.36 3.38
N GLN C 243 -2.14 -37.22 3.02
CA GLN C 243 -2.37 -38.66 2.92
C GLN C 243 -2.46 -39.42 4.24
N ARG C 244 -1.93 -38.84 5.32
CA ARG C 244 -2.02 -39.50 6.62
C ARG C 244 -3.51 -39.49 6.92
N PHE C 245 -4.19 -38.58 6.22
CA PHE C 245 -5.63 -38.40 6.31
C PHE C 245 -6.21 -38.54 4.91
N PRO C 246 -6.22 -39.76 4.35
CA PRO C 246 -6.79 -39.89 3.01
C PRO C 246 -8.25 -39.47 3.00
N GLY C 247 -8.70 -38.94 1.87
CA GLY C 247 -10.09 -38.52 1.77
C GLY C 247 -10.36 -37.20 2.48
N MET C 248 -9.88 -37.08 3.71
CA MET C 248 -10.09 -35.87 4.49
C MET C 248 -9.46 -34.67 3.79
N THR C 249 -10.14 -33.53 3.88
CA THR C 249 -9.68 -32.30 3.24
C THR C 249 -9.33 -31.25 4.29
N PRO C 250 -8.33 -30.39 3.97
CA PRO C 250 -7.77 -29.30 4.78
C PRO C 250 -8.68 -28.56 5.77
N ALA C 251 -9.87 -29.07 5.99
CA ALA C 251 -10.81 -28.49 6.94
C ALA C 251 -11.21 -29.58 7.91
N GLN C 252 -11.37 -30.78 7.37
CA GLN C 252 -11.73 -31.94 8.16
C GLN C 252 -10.54 -32.18 9.09
N ILE C 253 -9.37 -32.29 8.47
CA ILE C 253 -8.12 -32.49 9.19
C ILE C 253 -8.03 -31.38 10.23
N ARG C 254 -7.78 -30.16 9.76
CA ARG C 254 -7.67 -28.97 10.59
C ARG C 254 -8.61 -28.91 11.81
N ARG C 255 -9.76 -29.58 11.71
CA ARG C 255 -10.73 -29.62 12.80
C ARG C 255 -10.46 -30.80 13.71
N TYR C 256 -9.98 -31.88 13.10
CA TYR C 256 -9.66 -33.10 13.84
C TYR C 256 -8.57 -32.78 14.86
N ALA C 257 -7.54 -32.07 14.40
CA ALA C 257 -6.41 -31.69 15.23
C ALA C 257 -6.81 -30.87 16.44
N GLU C 258 -7.92 -30.15 16.34
CA GLU C 258 -8.41 -29.30 17.44
C GLU C 258 -8.28 -30.03 18.76
N ARG C 259 -8.39 -31.36 18.67
CA ARG C 259 -8.32 -32.24 19.83
C ARG C 259 -6.95 -32.23 20.50
N TRP C 260 -5.92 -31.85 19.74
CA TRP C 260 -4.58 -31.83 20.26
C TRP C 260 -4.09 -30.49 20.81
N LYS C 261 -4.85 -29.43 20.56
CA LYS C 261 -4.48 -28.10 21.03
C LYS C 261 -4.03 -28.23 22.50
N PRO C 262 -2.99 -27.47 22.90
CA PRO C 262 -2.18 -26.52 22.15
C PRO C 262 -0.82 -27.07 21.75
N TRP C 263 -0.70 -28.40 21.69
CA TRP C 263 0.55 -29.03 21.32
C TRP C 263 0.48 -29.60 19.91
N ARG C 264 -0.42 -29.05 19.10
CA ARG C 264 -0.61 -29.50 17.73
C ARG C 264 0.65 -29.60 16.88
N SER C 265 1.68 -28.81 17.19
CA SER C 265 2.91 -28.87 16.41
C SER C 265 3.65 -30.18 16.62
N TYR C 266 3.56 -30.73 17.83
CA TYR C 266 4.20 -32.00 18.12
C TYR C 266 3.34 -33.06 17.45
N ALA C 267 2.04 -33.00 17.71
CA ALA C 267 1.12 -33.95 17.12
C ALA C 267 1.56 -34.17 15.69
N LEU C 268 1.68 -33.07 14.97
CA LEU C 268 2.06 -33.07 13.56
C LEU C 268 3.26 -33.98 13.32
N LEU C 269 4.27 -33.87 14.18
CA LEU C 269 5.48 -34.67 14.06
C LEU C 269 5.26 -36.16 14.24
N HIS C 270 4.64 -36.53 15.37
CA HIS C 270 4.39 -37.93 15.61
C HIS C 270 3.64 -38.55 14.43
N ILE C 271 2.57 -37.90 13.99
CA ILE C 271 1.83 -38.44 12.85
C ILE C 271 2.75 -38.58 11.63
N TRP C 272 3.69 -37.63 11.48
CA TRP C 272 4.64 -37.64 10.35
C TRP C 272 5.61 -38.81 10.34
N TYR C 273 6.16 -39.11 11.51
CA TYR C 273 7.11 -40.20 11.66
C TYR C 273 6.46 -41.38 12.38
N THR C 274 5.36 -41.81 11.76
CA THR C 274 4.55 -42.93 12.20
C THR C 274 3.85 -43.37 10.94
N GLU C 275 4.61 -44.07 10.09
CA GLU C 275 4.14 -44.58 8.81
C GLU C 275 2.70 -45.12 8.89
N GLY C 276 2.42 -45.89 9.93
CA GLY C 276 1.09 -46.44 10.08
C GLY C 276 0.31 -45.74 11.17
N TRP C 277 -0.51 -44.77 10.77
CA TRP C 277 -1.34 -44.05 11.73
C TRP C 277 -2.66 -43.73 11.07
N GLN C 278 -3.74 -44.12 11.74
CA GLN C 278 -5.06 -43.87 11.21
C GLN C 278 -5.98 -43.12 12.16
N PRO C 279 -6.73 -42.14 11.63
CA PRO C 279 -7.66 -41.37 12.46
C PRO C 279 -8.84 -42.28 12.81
N ASP C 280 -9.89 -41.72 13.41
CA ASP C 280 -11.04 -42.53 13.78
C ASP C 280 -12.22 -42.26 12.85
N GLU C 281 -12.43 -43.16 11.90
CA GLU C 281 -13.51 -43.05 10.94
C GLU C 281 -14.87 -43.25 11.60
N MET D 1 -33.18 23.21 -29.55
CA MET D 1 -33.20 22.35 -30.78
C MET D 1 -31.81 22.02 -31.37
N TYR D 2 -31.06 21.16 -30.68
CA TYR D 2 -29.74 20.73 -31.16
C TYR D 2 -30.01 19.43 -31.89
N THR D 3 -29.06 18.94 -32.66
CA THR D 3 -29.30 17.70 -33.37
C THR D 3 -28.05 16.85 -33.59
N LEU D 4 -28.21 15.53 -33.45
CA LEU D 4 -27.09 14.59 -33.62
C LEU D 4 -27.44 13.52 -34.63
N ASN D 5 -26.43 12.94 -35.27
CA ASN D 5 -26.67 11.89 -36.27
C ASN D 5 -26.44 10.50 -35.72
N TRP D 6 -27.02 9.51 -36.41
CA TRP D 6 -26.85 8.10 -36.10
C TRP D 6 -26.91 7.31 -37.40
N GLN D 7 -26.14 6.23 -37.50
CA GLN D 7 -26.15 5.37 -38.70
C GLN D 7 -27.31 4.38 -38.55
N PRO D 8 -28.07 4.15 -39.62
CA PRO D 8 -29.19 3.21 -39.55
C PRO D 8 -28.78 1.76 -39.74
N PRO D 9 -29.60 0.82 -39.25
CA PRO D 9 -30.86 1.05 -38.56
C PRO D 9 -30.69 1.34 -37.07
N TYR D 10 -31.74 1.84 -36.42
CA TYR D 10 -31.72 2.15 -34.99
C TYR D 10 -33.07 1.82 -34.39
N ASP D 11 -33.16 0.70 -33.68
CA ASP D 11 -34.41 0.27 -33.06
C ASP D 11 -34.80 1.15 -31.88
N TRP D 12 -35.50 2.24 -32.13
CA TRP D 12 -35.89 3.07 -31.01
C TRP D 12 -36.86 2.38 -30.05
N SER D 13 -37.81 1.64 -30.60
CA SER D 13 -38.76 0.93 -29.78
C SER D 13 -38.00 0.15 -28.69
N TRP D 14 -37.02 -0.64 -29.10
CA TRP D 14 -36.25 -1.44 -28.16
C TRP D 14 -35.52 -0.57 -27.15
N MET D 15 -34.76 0.39 -27.66
CA MET D 15 -33.98 1.30 -26.83
C MET D 15 -34.85 1.98 -25.77
N LEU D 16 -35.84 2.75 -26.22
CA LEU D 16 -36.72 3.43 -25.28
C LEU D 16 -37.36 2.46 -24.31
N GLY D 17 -38.00 1.42 -24.85
CA GLY D 17 -38.63 0.42 -24.02
C GLY D 17 -37.72 0.01 -22.89
N PHE D 18 -36.46 -0.25 -23.20
CA PHE D 18 -35.48 -0.66 -22.21
C PHE D 18 -35.24 0.45 -21.18
N LEU D 19 -35.15 1.69 -21.64
CA LEU D 19 -34.92 2.76 -20.69
C LEU D 19 -36.15 2.92 -19.82
N ALA D 20 -37.31 2.74 -20.44
CA ALA D 20 -38.60 2.86 -19.75
C ALA D 20 -38.67 1.98 -18.51
N ALA D 21 -38.52 0.68 -18.74
CA ALA D 21 -38.58 -0.32 -17.67
C ALA D 21 -37.78 0.11 -16.46
N ARG D 22 -36.57 0.58 -16.72
CA ARG D 22 -35.64 0.97 -15.69
C ARG D 22 -35.71 2.44 -15.28
N ALA D 23 -36.60 3.20 -15.90
CA ALA D 23 -36.76 4.62 -15.60
C ALA D 23 -37.15 4.91 -14.17
N VAL D 24 -36.34 5.74 -13.52
CA VAL D 24 -36.56 6.13 -12.15
C VAL D 24 -37.51 7.32 -12.11
N SER D 25 -38.58 7.18 -11.34
CA SER D 25 -39.62 8.20 -11.24
C SER D 25 -39.13 9.56 -10.73
N SER D 26 -39.67 10.62 -11.33
CA SER D 26 -39.35 12.03 -11.01
C SER D 26 -38.12 12.51 -11.78
N VAL D 27 -37.25 11.55 -12.10
CA VAL D 27 -36.01 11.82 -12.78
C VAL D 27 -36.06 11.61 -14.27
N GLU D 28 -36.60 10.46 -14.67
CA GLU D 28 -36.71 10.10 -16.09
C GLU D 28 -38.14 9.91 -16.57
N THR D 29 -38.40 10.43 -17.77
CA THR D 29 -39.70 10.33 -18.41
C THR D 29 -39.48 9.69 -19.78
N VAL D 30 -39.82 8.41 -19.88
CA VAL D 30 -39.66 7.70 -21.14
C VAL D 30 -41.03 7.54 -21.78
N ALA D 31 -41.18 8.02 -23.01
CA ALA D 31 -42.43 7.91 -23.74
C ALA D 31 -42.18 7.35 -25.13
N ASP D 32 -43.21 6.73 -25.69
CA ASP D 32 -43.10 6.13 -27.03
C ASP D 32 -42.44 6.99 -28.11
N SER D 33 -42.35 8.30 -27.90
CA SER D 33 -41.78 9.16 -28.93
C SER D 33 -40.63 10.04 -28.45
N TYR D 34 -40.31 9.97 -27.16
CA TYR D 34 -39.21 10.77 -26.64
C TYR D 34 -38.76 10.34 -25.26
N TYR D 35 -37.56 10.80 -24.91
CA TYR D 35 -36.95 10.53 -23.61
C TYR D 35 -36.51 11.89 -23.11
N ALA D 36 -36.79 12.18 -21.85
CA ALA D 36 -36.42 13.45 -21.26
C ALA D 36 -36.15 13.21 -19.80
N ARG D 37 -35.03 13.73 -19.30
CA ARG D 37 -34.70 13.52 -17.89
C ARG D 37 -33.95 14.71 -17.29
N SER D 38 -34.00 14.84 -15.98
CA SER D 38 -33.29 15.92 -15.32
C SER D 38 -31.81 15.66 -15.53
N LEU D 39 -30.98 16.68 -15.36
CA LEU D 39 -29.55 16.50 -15.54
C LEU D 39 -28.71 17.63 -14.95
N ALA D 40 -27.59 17.25 -14.37
CA ALA D 40 -26.67 18.21 -13.76
C ALA D 40 -25.26 18.05 -14.31
N VAL D 41 -24.62 19.18 -14.59
CA VAL D 41 -23.25 19.16 -15.08
C VAL D 41 -22.55 20.11 -14.14
N GLY D 42 -22.27 19.61 -12.95
CA GLY D 42 -21.64 20.43 -11.94
C GLY D 42 -22.76 21.19 -11.27
N GLU D 43 -22.75 22.50 -11.40
CA GLU D 43 -23.79 23.31 -10.79
C GLU D 43 -24.88 23.68 -11.78
N TYR D 44 -24.65 23.36 -13.05
CA TYR D 44 -25.63 23.67 -14.09
C TYR D 44 -26.71 22.58 -14.16
N ARG D 45 -27.94 22.93 -13.79
CA ARG D 45 -29.04 21.98 -13.81
C ARG D 45 -30.19 22.44 -14.71
N GLY D 46 -30.97 21.49 -15.22
CA GLY D 46 -32.07 21.80 -16.10
C GLY D 46 -32.68 20.51 -16.58
N VAL D 47 -33.09 20.42 -17.85
CA VAL D 47 -33.70 19.19 -18.34
C VAL D 47 -33.43 18.90 -19.82
N VAL D 48 -33.08 17.64 -20.10
CA VAL D 48 -32.79 17.21 -21.46
C VAL D 48 -34.02 16.52 -22.04
N THR D 49 -34.21 16.65 -23.35
CA THR D 49 -35.33 16.05 -24.04
C THR D 49 -34.97 15.54 -25.43
N ALA D 50 -34.49 14.30 -25.51
CA ALA D 50 -34.13 13.71 -26.78
C ALA D 50 -35.42 13.29 -27.47
N ILE D 51 -35.47 13.51 -28.78
CA ILE D 51 -36.63 13.20 -29.60
C ILE D 51 -36.17 12.64 -30.94
N PRO D 52 -35.94 11.32 -31.02
CA PRO D 52 -35.48 10.72 -32.28
C PRO D 52 -36.37 11.03 -33.48
N ASP D 53 -35.72 11.31 -34.61
CA ASP D 53 -36.42 11.63 -35.82
C ASP D 53 -36.12 10.51 -36.81
N ILE D 54 -36.74 9.35 -36.58
CA ILE D 54 -36.53 8.18 -37.43
C ILE D 54 -36.53 8.55 -38.91
N ALA D 55 -37.16 9.67 -39.23
CA ALA D 55 -37.25 10.15 -40.61
C ALA D 55 -35.90 10.57 -41.17
N ARG D 56 -35.30 11.59 -40.57
CA ARG D 56 -34.02 12.10 -41.03
C ARG D 56 -32.81 11.60 -40.23
N HIS D 57 -32.80 10.31 -39.89
CA HIS D 57 -31.69 9.71 -39.14
C HIS D 57 -31.01 10.74 -38.26
N THR D 58 -31.80 11.32 -37.36
CA THR D 58 -31.34 12.36 -36.49
C THR D 58 -32.03 12.30 -35.17
N LEU D 59 -31.32 12.74 -34.13
CA LEU D 59 -31.86 12.75 -32.77
C LEU D 59 -31.83 14.18 -32.30
N HIS D 60 -32.98 14.84 -32.32
CA HIS D 60 -33.08 16.22 -31.87
C HIS D 60 -33.04 16.26 -30.35
N ILE D 61 -32.32 17.23 -29.80
CA ILE D 61 -32.23 17.34 -28.36
C ILE D 61 -32.46 18.75 -27.89
N ASN D 62 -33.42 18.94 -27.00
CA ASN D 62 -33.67 20.25 -26.47
C ASN D 62 -33.07 20.36 -25.09
N LEU D 63 -32.56 21.55 -24.78
CA LEU D 63 -31.96 21.79 -23.47
C LEU D 63 -32.61 22.96 -22.76
N SER D 64 -32.78 22.81 -21.45
CA SER D 64 -33.34 23.88 -20.63
C SER D 64 -32.24 24.95 -20.60
N ALA D 65 -32.62 26.20 -20.36
CA ALA D 65 -31.62 27.27 -20.33
C ALA D 65 -30.62 27.10 -19.18
N GLY D 66 -31.03 26.39 -18.13
CA GLY D 66 -30.14 26.19 -17.00
C GLY D 66 -28.98 25.28 -17.38
N LEU D 67 -29.00 24.79 -18.62
CA LEU D 67 -27.95 23.90 -19.12
C LEU D 67 -27.37 24.42 -20.43
N GLU D 68 -27.98 25.44 -21.00
CA GLU D 68 -27.47 25.99 -22.26
C GLU D 68 -25.96 26.22 -22.17
N PRO D 69 -25.47 26.64 -20.99
CA PRO D 69 -24.04 26.89 -20.79
C PRO D 69 -23.19 25.67 -21.06
N VAL D 70 -23.69 24.50 -20.66
CA VAL D 70 -22.96 23.25 -20.87
C VAL D 70 -23.66 22.41 -21.93
N ALA D 71 -24.09 23.07 -23.00
CA ALA D 71 -24.76 22.40 -24.09
C ALA D 71 -23.93 21.24 -24.60
N ALA D 72 -22.64 21.51 -24.80
CA ALA D 72 -21.71 20.51 -25.32
C ALA D 72 -21.77 19.20 -24.55
N GLU D 73 -21.38 19.22 -23.27
CA GLU D 73 -21.40 17.98 -22.48
C GLU D 73 -22.77 17.32 -22.55
N CYS D 74 -23.81 18.06 -22.22
CA CYS D 74 -25.15 17.51 -22.28
C CYS D 74 -25.27 16.75 -23.58
N LEU D 75 -25.08 17.44 -24.69
CA LEU D 75 -25.16 16.81 -25.99
C LEU D 75 -24.30 15.56 -26.08
N ALA D 76 -23.19 15.56 -25.34
CA ALA D 76 -22.26 14.44 -25.33
C ALA D 76 -22.72 13.27 -24.49
N LYS D 77 -23.37 13.56 -23.37
CA LYS D 77 -23.88 12.50 -22.50
C LYS D 77 -24.98 11.76 -23.23
N MET D 78 -25.85 12.50 -23.89
CA MET D 78 -26.93 11.89 -24.64
C MET D 78 -26.34 10.92 -25.64
N SER D 79 -25.28 11.34 -26.33
CA SER D 79 -24.66 10.50 -27.36
C SER D 79 -24.07 9.22 -26.79
N ARG D 80 -23.79 9.21 -25.50
CA ARG D 80 -23.24 8.03 -24.86
C ARG D 80 -24.37 7.13 -24.43
N LEU D 81 -25.47 7.75 -24.01
CA LEU D 81 -26.64 7.00 -23.56
C LEU D 81 -27.28 6.21 -24.69
N PHE D 82 -27.51 6.87 -25.82
CA PHE D 82 -28.15 6.19 -26.94
C PHE D 82 -27.21 5.54 -27.93
N ASP D 83 -25.94 5.48 -27.57
CA ASP D 83 -24.93 4.83 -28.43
C ASP D 83 -24.98 5.36 -29.86
N LEU D 84 -24.88 6.67 -30.04
CA LEU D 84 -24.95 7.22 -31.38
C LEU D 84 -23.77 6.87 -32.31
N GLN D 85 -22.63 6.55 -31.73
CA GLN D 85 -21.47 6.21 -32.54
C GLN D 85 -21.60 4.88 -33.31
N CYS D 86 -22.32 3.94 -32.73
CA CYS D 86 -22.45 2.63 -33.34
C CYS D 86 -22.72 2.57 -34.84
N ASN D 87 -21.99 1.67 -35.49
CA ASN D 87 -22.11 1.41 -36.92
C ASN D 87 -22.64 -0.02 -36.95
N PRO D 88 -23.96 -0.18 -37.07
CA PRO D 88 -24.54 -1.53 -37.10
C PRO D 88 -24.02 -2.39 -38.20
N GLN D 89 -23.66 -1.76 -39.32
CA GLN D 89 -23.13 -2.47 -40.49
C GLN D 89 -21.89 -3.31 -40.09
N ILE D 90 -21.09 -2.80 -39.17
CA ILE D 90 -19.90 -3.49 -38.69
C ILE D 90 -20.25 -4.53 -37.63
N VAL D 91 -21.00 -4.14 -36.62
CA VAL D 91 -21.36 -5.04 -35.56
C VAL D 91 -22.15 -6.26 -36.05
N ASN D 92 -23.25 -6.04 -36.77
CA ASN D 92 -24.04 -7.18 -37.23
C ASN D 92 -23.28 -7.95 -38.28
N GLY D 93 -22.34 -7.28 -38.93
CA GLY D 93 -21.53 -7.95 -39.93
C GLY D 93 -20.51 -8.84 -39.24
N ALA D 94 -20.43 -8.71 -37.92
CA ALA D 94 -19.50 -9.49 -37.13
C ALA D 94 -20.22 -10.57 -36.32
N LEU D 95 -21.46 -10.30 -35.97
CA LEU D 95 -22.22 -11.26 -35.20
C LEU D 95 -23.07 -12.17 -36.10
N GLY D 96 -23.40 -11.69 -37.30
CA GLY D 96 -24.21 -12.48 -38.20
C GLY D 96 -25.50 -12.96 -37.56
N ARG D 97 -25.87 -14.22 -37.80
CA ARG D 97 -27.09 -14.82 -37.25
C ARG D 97 -27.62 -14.14 -35.99
N LEU D 98 -26.83 -14.18 -34.93
CA LEU D 98 -27.21 -13.61 -33.65
C LEU D 98 -27.85 -12.23 -33.74
N GLY D 99 -27.16 -11.28 -34.35
CA GLY D 99 -27.72 -9.95 -34.45
C GLY D 99 -28.57 -9.70 -35.67
N ALA D 100 -28.78 -10.75 -36.47
CA ALA D 100 -29.55 -10.62 -37.69
C ALA D 100 -31.03 -10.35 -37.52
N ALA D 101 -31.59 -10.67 -36.37
CA ALA D 101 -33.01 -10.44 -36.16
C ALA D 101 -33.35 -8.99 -35.87
N ARG D 102 -32.67 -8.41 -34.89
CA ARG D 102 -32.91 -7.03 -34.47
C ARG D 102 -31.66 -6.19 -34.76
N PRO D 103 -31.35 -5.94 -36.03
CA PRO D 103 -30.16 -5.16 -36.38
C PRO D 103 -30.09 -3.74 -35.83
N GLY D 104 -31.20 -3.24 -35.30
CA GLY D 104 -31.20 -1.89 -34.76
C GLY D 104 -30.79 -1.80 -33.29
N LEU D 105 -30.31 -2.91 -32.74
CA LEU D 105 -29.90 -2.98 -31.34
C LEU D 105 -28.80 -1.96 -31.06
N ARG D 106 -28.75 -1.44 -29.84
CA ARG D 106 -27.73 -0.47 -29.44
C ARG D 106 -27.49 -0.69 -27.97
N LEU D 107 -26.30 -0.37 -27.48
CA LEU D 107 -25.97 -0.52 -26.06
C LEU D 107 -26.50 0.68 -25.26
N PRO D 108 -27.45 0.43 -24.33
CA PRO D 108 -28.07 1.46 -23.49
C PRO D 108 -27.02 1.98 -22.55
N GLY D 109 -26.53 3.19 -22.78
CA GLY D 109 -25.49 3.72 -21.91
C GLY D 109 -26.03 4.39 -20.67
N CYS D 110 -25.42 5.53 -20.36
CA CYS D 110 -25.79 6.32 -19.21
C CYS D 110 -25.38 7.76 -19.42
N VAL D 111 -25.95 8.64 -18.62
CA VAL D 111 -25.66 10.05 -18.72
C VAL D 111 -24.68 10.52 -17.61
N ASP D 112 -24.07 9.56 -16.91
CA ASP D 112 -23.11 9.83 -15.83
C ASP D 112 -22.67 8.52 -15.19
N ALA D 113 -21.38 8.23 -15.19
CA ALA D 113 -20.90 6.96 -14.61
C ALA D 113 -21.30 6.76 -13.15
N PHE D 114 -21.27 7.81 -12.35
CA PHE D 114 -21.64 7.65 -10.95
C PHE D 114 -23.09 7.22 -10.77
N GLU D 115 -24.00 7.83 -11.51
CA GLU D 115 -25.40 7.45 -11.42
C GLU D 115 -25.49 5.95 -11.66
N GLN D 116 -24.88 5.50 -12.75
CA GLN D 116 -24.89 4.08 -13.11
C GLN D 116 -24.36 3.19 -11.99
N GLY D 117 -23.26 3.62 -11.39
CA GLY D 117 -22.69 2.85 -10.29
C GLY D 117 -23.74 2.60 -9.23
N VAL D 118 -24.49 3.64 -8.89
CA VAL D 118 -25.54 3.51 -7.90
C VAL D 118 -26.60 2.60 -8.47
N ARG D 119 -27.01 2.92 -9.69
CA ARG D 119 -28.03 2.12 -10.35
C ARG D 119 -27.70 0.65 -10.33
N ALA D 120 -26.44 0.35 -10.64
CA ALA D 120 -25.96 -1.02 -10.67
C ALA D 120 -26.16 -1.69 -9.31
N ILE D 121 -25.46 -1.17 -8.30
CA ILE D 121 -25.52 -1.70 -6.95
C ILE D 121 -26.96 -1.91 -6.45
N LEU D 122 -27.83 -0.93 -6.67
CA LEU D 122 -29.23 -1.03 -6.26
C LEU D 122 -30.01 -2.01 -7.12
N GLY D 123 -29.39 -2.45 -8.21
CA GLY D 123 -30.06 -3.39 -9.09
C GLY D 123 -29.79 -4.82 -8.68
N GLN D 124 -28.86 -4.99 -7.74
CA GLN D 124 -28.46 -6.30 -7.22
C GLN D 124 -29.59 -7.04 -6.53
N LEU D 125 -29.66 -8.35 -6.79
CA LEU D 125 -30.65 -9.25 -6.19
C LEU D 125 -32.13 -8.98 -6.45
N VAL D 126 -32.49 -7.71 -6.62
CA VAL D 126 -33.89 -7.38 -6.85
C VAL D 126 -34.28 -7.37 -8.33
N SER D 127 -35.53 -7.06 -8.61
CA SER D 127 -36.02 -7.02 -9.98
C SER D 127 -35.86 -5.61 -10.51
N VAL D 128 -36.14 -5.45 -11.80
CA VAL D 128 -36.03 -4.14 -12.44
C VAL D 128 -37.05 -3.18 -11.84
N ALA D 129 -38.33 -3.43 -12.12
CA ALA D 129 -39.38 -2.56 -11.59
C ALA D 129 -39.11 -2.24 -10.12
N MET D 130 -38.65 -3.24 -9.37
CA MET D 130 -38.35 -3.04 -7.95
C MET D 130 -37.24 -2.02 -7.78
N ALA D 131 -36.09 -2.29 -8.43
CA ALA D 131 -34.94 -1.38 -8.35
C ALA D 131 -35.29 0.04 -8.77
N ALA D 132 -35.99 0.21 -9.89
CA ALA D 132 -36.36 1.54 -10.34
C ALA D 132 -37.28 2.23 -9.31
N LYS D 133 -37.67 1.47 -8.29
CA LYS D 133 -38.53 2.03 -7.26
C LYS D 133 -37.63 2.39 -6.10
N LEU D 134 -36.75 1.46 -5.75
CA LEU D 134 -35.81 1.68 -4.66
C LEU D 134 -34.98 2.92 -4.98
N THR D 135 -34.59 3.06 -6.25
CA THR D 135 -33.79 4.20 -6.68
C THR D 135 -34.63 5.46 -6.55
N ALA D 136 -35.79 5.45 -7.18
CA ALA D 136 -36.68 6.61 -7.15
C ALA D 136 -36.72 7.26 -5.78
N ARG D 137 -36.85 6.45 -4.74
CA ARG D 137 -36.91 6.98 -3.38
C ARG D 137 -35.56 7.52 -2.93
N VAL D 138 -34.47 6.86 -3.34
CA VAL D 138 -33.13 7.32 -3.01
C VAL D 138 -32.87 8.67 -3.67
N ALA D 139 -33.42 8.83 -4.88
CA ALA D 139 -33.29 10.07 -5.62
C ALA D 139 -34.14 11.09 -4.88
N GLN D 140 -35.33 10.64 -4.50
CA GLN D 140 -36.28 11.46 -3.76
C GLN D 140 -35.65 12.12 -2.54
N LEU D 141 -34.85 11.36 -1.80
CA LEU D 141 -34.24 11.86 -0.58
C LEU D 141 -33.00 12.75 -0.70
N TYR D 142 -32.10 12.43 -1.64
CA TYR D 142 -30.86 13.20 -1.80
C TYR D 142 -30.79 13.98 -3.12
N GLY D 143 -31.87 13.96 -3.88
CA GLY D 143 -31.88 14.64 -5.16
C GLY D 143 -32.27 16.12 -5.18
N GLU D 144 -31.42 16.92 -5.80
CA GLU D 144 -31.67 18.35 -5.92
C GLU D 144 -32.89 18.56 -6.81
N ARG D 145 -33.86 19.34 -6.34
CA ARG D 145 -35.01 19.61 -7.17
C ARG D 145 -34.67 20.82 -8.05
N LEU D 146 -35.24 20.86 -9.25
CA LEU D 146 -34.97 21.96 -10.18
C LEU D 146 -35.91 23.14 -9.96
N ASP D 147 -35.39 24.23 -9.41
CA ASP D 147 -36.23 25.40 -9.17
C ASP D 147 -36.94 25.83 -10.46
N ASP D 148 -36.42 25.40 -11.61
CA ASP D 148 -37.02 25.77 -12.88
C ASP D 148 -38.02 24.74 -13.39
N PHE D 149 -38.03 23.56 -12.79
CA PHE D 149 -38.93 22.47 -13.16
C PHE D 149 -39.07 21.57 -11.94
N PRO D 150 -39.92 21.96 -10.98
CA PRO D 150 -40.15 21.20 -9.76
C PRO D 150 -40.42 19.71 -9.98
N GLU D 151 -41.13 19.41 -11.07
CA GLU D 151 -41.49 18.04 -11.42
C GLU D 151 -40.28 17.09 -11.48
N TYR D 152 -39.17 17.59 -12.02
CA TYR D 152 -37.94 16.81 -12.14
C TYR D 152 -37.00 17.05 -10.97
N ILE D 153 -36.19 16.03 -10.67
CA ILE D 153 -35.23 16.04 -9.57
C ILE D 153 -33.89 15.46 -10.08
N CYS D 154 -32.78 15.94 -9.54
CA CYS D 154 -31.46 15.46 -9.97
C CYS D 154 -30.96 14.26 -9.19
N PHE D 155 -30.25 13.37 -9.87
CA PHE D 155 -29.74 12.19 -9.18
C PHE D 155 -28.83 12.61 -8.04
N PRO D 156 -28.91 11.89 -6.92
CA PRO D 156 -28.09 12.20 -5.75
C PRO D 156 -26.63 12.31 -6.18
N THR D 157 -25.94 13.38 -5.81
CA THR D 157 -24.53 13.51 -6.18
C THR D 157 -23.68 12.67 -5.22
N PRO D 158 -22.36 12.57 -5.47
CA PRO D 158 -21.54 11.76 -4.56
C PRO D 158 -21.35 12.42 -3.19
N GLN D 159 -21.29 13.75 -3.18
CA GLN D 159 -21.11 14.52 -1.95
C GLN D 159 -22.37 14.51 -1.10
N ARG D 160 -23.52 14.49 -1.79
CA ARG D 160 -24.82 14.46 -1.15
C ARG D 160 -25.00 13.04 -0.56
N LEU D 161 -24.61 12.02 -1.34
CA LEU D 161 -24.70 10.62 -0.94
C LEU D 161 -23.52 10.17 -0.09
N ALA D 162 -22.50 11.01 0.02
CA ALA D 162 -21.33 10.67 0.83
C ALA D 162 -21.68 10.98 2.28
N ALA D 163 -22.38 12.10 2.49
CA ALA D 163 -22.82 12.52 3.82
C ALA D 163 -24.14 11.80 4.05
N ALA D 164 -24.15 10.52 3.71
CA ALA D 164 -25.35 9.71 3.84
C ALA D 164 -25.39 8.89 5.12
N ASP D 165 -26.54 8.96 5.79
CA ASP D 165 -26.78 8.23 7.01
C ASP D 165 -27.12 6.80 6.57
N PRO D 166 -26.23 5.83 6.86
CA PRO D 166 -26.46 4.42 6.49
C PRO D 166 -27.84 3.89 6.81
N GLN D 167 -28.27 4.04 8.06
CA GLN D 167 -29.60 3.57 8.42
C GLN D 167 -30.63 4.33 7.61
N ALA D 168 -30.36 5.61 7.35
CA ALA D 168 -31.28 6.42 6.57
C ALA D 168 -31.53 5.72 5.24
N LEU D 169 -30.44 5.37 4.56
CA LEU D 169 -30.52 4.68 3.27
C LEU D 169 -31.15 3.30 3.47
N LYS D 170 -30.60 2.51 4.37
CA LYS D 170 -31.12 1.16 4.64
C LYS D 170 -32.62 1.21 4.89
N ALA D 171 -33.06 2.28 5.54
CA ALA D 171 -34.47 2.48 5.86
C ALA D 171 -35.28 2.77 4.61
N LEU D 172 -34.62 2.90 3.47
CA LEU D 172 -35.33 3.16 2.23
C LEU D 172 -35.65 1.84 1.54
N GLY D 173 -35.07 0.76 2.04
CA GLY D 173 -35.35 -0.54 1.46
C GLY D 173 -34.18 -1.32 0.89
N MET D 174 -33.07 -1.38 1.61
CA MET D 174 -31.90 -2.10 1.13
C MET D 174 -31.07 -2.54 2.32
N PRO D 175 -30.36 -3.68 2.21
CA PRO D 175 -29.55 -4.12 3.35
C PRO D 175 -28.63 -2.98 3.69
N LEU D 176 -28.03 -3.00 4.88
CA LEU D 176 -27.12 -1.91 5.22
C LEU D 176 -25.85 -2.10 4.38
N LYS D 177 -25.41 -3.35 4.26
CA LYS D 177 -24.21 -3.65 3.50
C LYS D 177 -24.32 -3.07 2.09
N ARG D 178 -25.55 -2.86 1.64
CA ARG D 178 -25.80 -2.29 0.31
C ARG D 178 -25.49 -0.80 0.43
N ALA D 179 -26.23 -0.11 1.28
CA ALA D 179 -26.06 1.31 1.50
C ALA D 179 -24.62 1.66 1.84
N GLU D 180 -23.87 0.68 2.33
CA GLU D 180 -22.47 0.89 2.68
C GLU D 180 -21.65 0.88 1.40
N ALA D 181 -22.08 0.06 0.44
CA ALA D 181 -21.40 -0.06 -0.85
C ALA D 181 -21.54 1.25 -1.62
N LEU D 182 -22.67 1.91 -1.42
CA LEU D 182 -22.94 3.19 -2.07
C LEU D 182 -22.11 4.29 -1.43
N ILE D 183 -22.39 4.59 -0.16
CA ILE D 183 -21.66 5.63 0.54
C ILE D 183 -20.19 5.54 0.16
N HIS D 184 -19.69 4.32 -0.02
CA HIS D 184 -18.31 4.10 -0.42
C HIS D 184 -18.07 4.60 -1.85
N LEU D 185 -18.68 3.91 -2.80
CA LEU D 185 -18.57 4.29 -4.19
C LEU D 185 -18.71 5.80 -4.34
N ALA D 186 -19.62 6.39 -3.57
CA ALA D 186 -19.86 7.82 -3.61
C ALA D 186 -18.59 8.59 -3.31
N ASN D 187 -17.78 8.06 -2.39
CA ASN D 187 -16.50 8.68 -2.01
C ASN D 187 -15.49 8.60 -3.15
N ALA D 188 -15.38 7.41 -3.73
CA ALA D 188 -14.48 7.17 -4.85
C ALA D 188 -14.72 8.28 -5.85
N ALA D 189 -15.99 8.49 -6.17
CA ALA D 189 -16.38 9.53 -7.11
C ALA D 189 -15.72 10.85 -6.73
N LEU D 190 -16.04 11.33 -5.52
CA LEU D 190 -15.51 12.57 -4.98
C LEU D 190 -14.01 12.73 -5.14
N GLU D 191 -13.24 11.73 -4.73
CA GLU D 191 -11.79 11.80 -4.84
C GLU D 191 -11.28 11.28 -6.19
N GLY D 192 -12.12 11.42 -7.21
CA GLY D 192 -11.78 10.99 -8.55
C GLY D 192 -11.06 9.66 -8.70
N THR D 193 -11.40 8.70 -7.85
CA THR D 193 -10.75 7.39 -7.93
C THR D 193 -11.62 6.39 -8.69
N LEU D 194 -12.84 6.82 -9.04
CA LEU D 194 -13.76 5.96 -9.78
C LEU D 194 -13.75 6.43 -11.22
N PRO D 195 -13.18 5.61 -12.12
CA PRO D 195 -13.09 5.91 -13.54
C PRO D 195 -14.40 6.43 -14.11
N MET D 196 -14.49 7.74 -14.35
CA MET D 196 -15.73 8.32 -14.86
C MET D 196 -15.92 8.16 -16.36
N THR D 197 -14.92 7.54 -17.01
CA THR D 197 -14.95 7.27 -18.45
C THR D 197 -14.26 5.94 -18.75
N ILE D 198 -14.62 5.30 -19.85
CA ILE D 198 -14.01 4.02 -20.14
C ILE D 198 -12.49 4.14 -20.22
N PRO D 199 -11.76 3.34 -19.41
CA PRO D 199 -10.30 3.34 -19.38
C PRO D 199 -9.68 2.47 -20.45
N GLY D 200 -8.39 2.65 -20.70
CA GLY D 200 -7.69 1.87 -21.71
C GLY D 200 -7.73 0.38 -21.41
N ASP D 201 -7.33 0.02 -20.18
CA ASP D 201 -7.33 -1.38 -19.75
C ASP D 201 -8.60 -1.59 -18.94
N VAL D 202 -9.64 -2.09 -19.59
CA VAL D 202 -10.90 -2.33 -18.92
C VAL D 202 -10.82 -3.51 -17.94
N GLU D 203 -10.12 -4.58 -18.34
CA GLU D 203 -9.98 -5.74 -17.47
C GLU D 203 -9.47 -5.28 -16.11
N GLN D 204 -8.42 -4.46 -16.14
CA GLN D 204 -7.86 -3.92 -14.91
C GLN D 204 -8.93 -3.16 -14.15
N ALA D 205 -9.28 -1.98 -14.64
CA ALA D 205 -10.28 -1.14 -14.00
C ALA D 205 -11.43 -1.94 -13.37
N MET D 206 -11.83 -3.05 -14.00
CA MET D 206 -12.91 -3.87 -13.44
C MET D 206 -12.47 -4.65 -12.22
N LYS D 207 -11.32 -5.32 -12.33
CA LYS D 207 -10.77 -6.06 -11.21
C LYS D 207 -10.62 -5.04 -10.09
N THR D 208 -10.01 -3.90 -10.44
CA THR D 208 -9.81 -2.82 -9.48
C THR D 208 -11.17 -2.42 -8.92
N LEU D 209 -12.21 -2.58 -9.72
CA LEU D 209 -13.54 -2.22 -9.29
C LEU D 209 -14.08 -3.24 -8.31
N GLN D 210 -13.72 -4.50 -8.54
CA GLN D 210 -14.20 -5.57 -7.69
C GLN D 210 -13.67 -5.54 -6.28
N THR D 211 -12.94 -4.48 -5.94
CA THR D 211 -12.40 -4.33 -4.61
C THR D 211 -13.36 -3.47 -3.81
N PHE D 212 -13.97 -2.50 -4.48
CA PHE D 212 -14.93 -1.61 -3.84
C PHE D 212 -15.94 -2.41 -3.03
N PRO D 213 -16.14 -2.06 -1.75
CA PRO D 213 -17.10 -2.79 -0.91
C PRO D 213 -18.52 -2.83 -1.48
N GLY D 214 -19.01 -4.04 -1.70
CA GLY D 214 -20.35 -4.20 -2.25
C GLY D 214 -20.37 -4.49 -3.73
N ILE D 215 -19.25 -4.24 -4.39
CA ILE D 215 -19.14 -4.47 -5.84
C ILE D 215 -18.46 -5.79 -6.18
N GLY D 216 -19.21 -6.68 -6.82
CA GLY D 216 -18.68 -7.98 -7.22
C GLY D 216 -18.50 -8.09 -8.72
N ARG D 217 -18.15 -9.28 -9.20
CA ARG D 217 -17.95 -9.46 -10.62
C ARG D 217 -19.15 -9.11 -11.47
N TRP D 218 -20.36 -9.46 -11.05
CA TRP D 218 -21.50 -9.10 -11.89
C TRP D 218 -21.69 -7.57 -11.93
N THR D 219 -21.59 -6.92 -10.77
CA THR D 219 -21.78 -5.48 -10.72
C THR D 219 -20.69 -4.74 -11.49
N ALA D 220 -19.45 -5.21 -11.35
CA ALA D 220 -18.32 -4.58 -12.05
C ALA D 220 -18.48 -4.68 -13.56
N ASN D 221 -18.96 -5.82 -14.03
CA ASN D 221 -19.19 -6.04 -15.44
C ASN D 221 -20.30 -5.13 -15.92
N TYR D 222 -21.50 -5.36 -15.40
CA TYR D 222 -22.66 -4.56 -15.76
C TYR D 222 -22.29 -3.08 -15.69
N PHE D 223 -21.39 -2.71 -14.78
CA PHE D 223 -21.00 -1.30 -14.67
C PHE D 223 -20.09 -0.86 -15.81
N ALA D 224 -19.19 -1.74 -16.23
CA ALA D 224 -18.27 -1.41 -17.31
C ALA D 224 -19.04 -1.32 -18.62
N LEU D 225 -20.06 -2.16 -18.74
CA LEU D 225 -20.90 -2.20 -19.93
C LEU D 225 -21.77 -0.94 -20.05
N ARG D 226 -22.46 -0.60 -18.97
CA ARG D 226 -23.34 0.56 -18.96
C ARG D 226 -22.67 1.90 -18.61
N GLY D 227 -21.75 1.89 -17.64
CA GLY D 227 -21.05 3.10 -17.22
C GLY D 227 -19.93 3.58 -18.14
N TRP D 228 -19.20 2.64 -18.73
CA TRP D 228 -18.11 2.96 -19.63
C TRP D 228 -18.49 2.66 -21.07
N GLN D 229 -19.69 2.09 -21.26
CA GLN D 229 -20.19 1.70 -22.58
C GLN D 229 -19.19 0.75 -23.24
N ALA D 230 -18.46 0.02 -22.40
CA ALA D 230 -17.49 -0.96 -22.86
C ALA D 230 -18.19 -1.92 -23.82
N LYS D 231 -17.70 -2.01 -25.05
CA LYS D 231 -18.31 -2.87 -26.05
C LYS D 231 -17.94 -4.34 -26.03
N ASP D 232 -16.97 -4.74 -25.21
CA ASP D 232 -16.63 -6.15 -25.25
C ASP D 232 -16.75 -6.93 -23.93
N VAL D 233 -17.80 -6.64 -23.17
CA VAL D 233 -18.02 -7.33 -21.91
C VAL D 233 -19.14 -8.36 -22.08
N PHE D 234 -19.42 -9.09 -21.00
CA PHE D 234 -20.45 -10.12 -20.97
C PHE D 234 -20.66 -10.43 -19.48
N LEU D 235 -21.89 -10.70 -19.09
CA LEU D 235 -22.20 -11.00 -17.69
C LEU D 235 -22.55 -12.48 -17.53
N PRO D 236 -21.54 -13.32 -17.30
CA PRO D 236 -21.87 -14.74 -17.15
C PRO D 236 -22.33 -15.16 -15.75
N ASP D 237 -22.44 -14.19 -14.84
CA ASP D 237 -22.90 -14.46 -13.47
C ASP D 237 -24.25 -13.79 -13.35
N ASP D 238 -24.94 -13.71 -14.49
CA ASP D 238 -26.23 -13.07 -14.53
C ASP D 238 -27.39 -14.07 -14.64
N TYR D 239 -28.31 -13.97 -13.68
CA TYR D 239 -29.50 -14.82 -13.59
C TYR D 239 -30.06 -15.23 -14.94
N LEU D 240 -30.34 -14.22 -15.77
CA LEU D 240 -30.91 -14.46 -17.10
C LEU D 240 -29.91 -15.20 -17.98
N ILE D 241 -28.68 -14.72 -17.98
CA ILE D 241 -27.66 -15.35 -18.80
C ILE D 241 -27.52 -16.83 -18.49
N LYS D 242 -27.59 -17.19 -17.20
CA LYS D 242 -27.47 -18.60 -16.79
C LYS D 242 -28.56 -19.44 -17.44
N GLN D 243 -29.78 -18.91 -17.50
CA GLN D 243 -30.91 -19.61 -18.11
C GLN D 243 -30.79 -19.78 -19.63
N ARG D 244 -30.00 -18.93 -20.28
CA ARG D 244 -29.84 -19.03 -21.71
C ARG D 244 -28.71 -19.98 -22.05
N PHE D 245 -27.95 -20.37 -21.03
CA PHE D 245 -26.86 -21.32 -21.18
C PHE D 245 -27.14 -22.36 -20.10
N PRO D 246 -28.14 -23.24 -20.34
CA PRO D 246 -28.55 -24.30 -19.42
C PRO D 246 -27.40 -25.18 -18.94
N GLY D 247 -27.31 -25.35 -17.62
CA GLY D 247 -26.26 -26.16 -17.05
C GLY D 247 -24.93 -25.44 -17.04
N MET D 248 -24.48 -25.00 -18.21
CA MET D 248 -23.22 -24.30 -18.35
C MET D 248 -22.90 -23.44 -17.14
N THR D 249 -21.61 -23.41 -16.79
CA THR D 249 -21.10 -22.64 -15.66
C THR D 249 -20.56 -21.31 -16.18
N PRO D 250 -20.37 -20.33 -15.29
CA PRO D 250 -19.86 -19.03 -15.73
C PRO D 250 -18.62 -19.16 -16.60
N ALA D 251 -17.78 -20.15 -16.32
CA ALA D 251 -16.58 -20.32 -17.12
C ALA D 251 -16.98 -20.80 -18.50
N GLN D 252 -17.81 -21.84 -18.55
CA GLN D 252 -18.29 -22.39 -19.81
C GLN D 252 -18.86 -21.26 -20.67
N ILE D 253 -19.61 -20.36 -20.02
CA ILE D 253 -20.20 -19.22 -20.72
C ILE D 253 -19.12 -18.30 -21.22
N ARG D 254 -18.35 -17.69 -20.31
CA ARG D 254 -17.28 -16.78 -20.73
C ARG D 254 -16.54 -17.39 -21.92
N ARG D 255 -16.15 -18.65 -21.80
CA ARG D 255 -15.45 -19.35 -22.87
C ARG D 255 -16.24 -19.23 -24.16
N TYR D 256 -17.50 -19.65 -24.12
CA TYR D 256 -18.37 -19.60 -25.27
C TYR D 256 -18.42 -18.22 -25.92
N ALA D 257 -18.89 -17.24 -25.15
CA ALA D 257 -19.05 -15.86 -25.60
C ALA D 257 -17.87 -15.28 -26.37
N GLU D 258 -16.73 -15.96 -26.37
CA GLU D 258 -15.55 -15.47 -27.07
C GLU D 258 -15.73 -15.40 -28.59
N ARG D 259 -16.62 -16.22 -29.13
CA ARG D 259 -16.87 -16.23 -30.56
C ARG D 259 -17.39 -14.88 -31.05
N TRP D 260 -17.89 -14.07 -30.12
CA TRP D 260 -18.44 -12.76 -30.45
C TRP D 260 -17.49 -11.60 -30.20
N LYS D 261 -16.27 -11.88 -29.74
CA LYS D 261 -15.31 -10.82 -29.53
C LYS D 261 -15.18 -10.19 -30.90
N PRO D 262 -14.97 -8.87 -30.97
CA PRO D 262 -14.84 -7.89 -29.90
C PRO D 262 -16.15 -7.15 -29.61
N TRP D 263 -17.29 -7.79 -29.89
CA TRP D 263 -18.58 -7.16 -29.65
C TRP D 263 -19.45 -7.96 -28.73
N ARG D 264 -18.88 -8.44 -27.62
CA ARG D 264 -19.63 -9.23 -26.67
C ARG D 264 -20.70 -8.44 -25.90
N SER D 265 -20.54 -7.13 -25.80
CA SER D 265 -21.53 -6.34 -25.12
C SER D 265 -22.80 -6.40 -25.95
N TYR D 266 -22.64 -6.37 -27.26
CA TYR D 266 -23.80 -6.42 -28.13
C TYR D 266 -24.35 -7.83 -28.18
N ALA D 267 -23.47 -8.83 -28.27
CA ALA D 267 -23.91 -10.23 -28.31
C ALA D 267 -24.75 -10.48 -27.08
N LEU D 268 -24.30 -9.89 -25.99
CA LEU D 268 -25.00 -10.02 -24.72
C LEU D 268 -26.42 -9.47 -24.85
N LEU D 269 -26.54 -8.20 -25.26
CA LEU D 269 -27.83 -7.55 -25.39
C LEU D 269 -28.73 -8.37 -26.31
N HIS D 270 -28.16 -8.94 -27.36
CA HIS D 270 -28.96 -9.74 -28.27
C HIS D 270 -29.44 -11.00 -27.59
N ILE D 271 -28.69 -11.49 -26.62
CA ILE D 271 -29.12 -12.72 -25.96
C ILE D 271 -30.13 -12.44 -24.85
N TRP D 272 -29.86 -11.44 -24.03
CA TRP D 272 -30.78 -11.05 -22.96
C TRP D 272 -32.17 -10.82 -23.52
N TYR D 273 -32.30 -9.69 -24.24
CA TYR D 273 -33.55 -9.31 -24.85
C TYR D 273 -33.89 -10.13 -26.09
N THR D 274 -33.86 -11.45 -25.90
CA THR D 274 -34.16 -12.41 -26.95
C THR D 274 -34.45 -13.76 -26.25
N GLU D 275 -35.67 -13.87 -25.74
CA GLU D 275 -36.16 -15.04 -25.02
C GLU D 275 -36.16 -16.31 -25.85
N GLY D 276 -35.81 -17.42 -25.21
CA GLY D 276 -35.79 -18.70 -25.91
C GLY D 276 -34.45 -19.04 -26.57
N TRP D 277 -33.55 -18.07 -26.63
CA TRP D 277 -32.26 -18.31 -27.24
C TRP D 277 -31.56 -19.43 -26.48
N GLN D 278 -30.66 -20.14 -27.16
CA GLN D 278 -29.91 -21.22 -26.54
C GLN D 278 -28.64 -21.46 -27.33
N PRO D 279 -27.55 -21.87 -26.66
CA PRO D 279 -26.27 -22.13 -27.33
C PRO D 279 -26.37 -23.19 -28.40
N ASP D 280 -25.31 -23.34 -29.21
CA ASP D 280 -25.30 -24.34 -30.26
C ASP D 280 -24.93 -25.75 -29.79
N GLU D 281 -24.90 -26.68 -30.74
CA GLU D 281 -24.58 -28.07 -30.45
C GLU D 281 -23.07 -28.28 -30.27
P FMG E 8 16.94 26.53 14.02
OP2 FMG E 8 16.42 25.41 14.85
OP1 FMG E 8 18.38 26.91 14.10
O5' FMG E 8 16.06 27.83 14.32
F1' FMG E 8 12.22 26.58 15.62
N9 FMG E 8 12.02 25.39 13.10
C8 FMG E 8 12.85 24.36 13.46
N7 FMG E 8 12.34 23.17 13.27
CM7 FMG E 8 13.03 21.89 13.58
C5 FMG E 8 11.07 23.42 12.74
C4 FMG E 8 10.86 24.79 12.63
N3 FMG E 8 9.75 25.44 12.17
C2 FMG E 8 8.78 24.61 11.78
N2 FMG E 8 7.63 25.09 11.30
N1 FMG E 8 8.89 23.22 11.83
C6 FMG E 8 10.03 22.53 12.31
O6 FMG E 8 10.02 21.28 12.32
C2' FMG E 8 12.19 27.44 14.58
C5' FMG E 8 15.46 28.56 13.25
C4' FMG E 8 13.96 28.40 13.25
O4' FMG E 8 13.58 27.12 12.72
C1' FMG E 8 12.28 26.84 13.19
C3' FMG E 8 13.29 28.49 14.62
O3' FMG E 8 12.76 29.81 14.80
P FMG G 8 -11.91 -31.67 -2.08
OP2 FMG G 8 -10.76 -31.35 -1.19
OP1 FMG G 8 -12.61 -32.97 -1.95
O5' FMG G 8 -11.46 -31.46 -3.57
F1' FMG G 8 -8.86 -29.37 -6.42
N9 FMG G 8 -10.46 -27.17 -5.58
C8 FMG G 8 -9.91 -27.09 -4.33
N7 FMG G 8 -9.42 -25.94 -4.06
CM7 FMG G 8 -8.76 -25.60 -2.77
C5 FMG G 8 -9.63 -25.17 -5.19
C4 FMG G 8 -10.28 -25.92 -6.17
N3 FMG G 8 -10.67 -25.52 -7.44
C2 FMG G 8 -10.35 -24.22 -7.69
N2 FMG G 8 -10.64 -23.67 -8.89
N1 FMG G 8 -9.71 -23.39 -6.77
C6 FMG G 8 -9.31 -23.79 -5.47
O6 FMG G 8 -8.75 -22.97 -4.74
C2' FMG G 8 -10.13 -29.39 -6.79
C5' FMG G 8 -12.39 -31.40 -4.63
C4' FMG G 8 -12.00 -30.38 -5.67
O4' FMG G 8 -11.70 -29.09 -5.10
C1' FMG G 8 -11.08 -28.37 -6.12
C3' FMG G 8 -10.78 -30.73 -6.53
O3' FMG G 8 -11.25 -31.32 -7.76
#